data_1CN0
# 
_entry.id   1CN0 
# 
_audit_conform.dict_name       mmcif_pdbx.dic 
_audit_conform.dict_version    5.375 
_audit_conform.dict_location   http://mmcif.pdb.org/dictionaries/ascii/mmcif_pdbx.dic 
# 
loop_
_database_2.database_id 
_database_2.database_code 
_database_2.pdbx_database_accession 
_database_2.pdbx_DOI 
PDB   1CN0         pdb_00001cn0 10.2210/pdb1cn0/pdb 
NDB   UD0007       ?            ?                   
RCSB  RCSB001099   ?            ?                   
WWPDB D_1000001099 ?            ?                   
# 
_pdbx_database_status.status_code                     REL 
_pdbx_database_status.entry_id                        1CN0 
_pdbx_database_status.recvd_initial_deposition_date   1999-05-24 
_pdbx_database_status.deposit_site                    BNL 
_pdbx_database_status.process_site                    NDB 
_pdbx_database_status.SG_entry                        . 
_pdbx_database_status.pdb_format_compatible           Y 
_pdbx_database_status.status_code_mr                  ? 
_pdbx_database_status.status_code_sf                  ? 
_pdbx_database_status.status_code_cs                  ? 
_pdbx_database_status.status_code_nmr_data            ? 
_pdbx_database_status.methods_development_category    ? 
# 
loop_
_audit_author.name 
_audit_author.pdbx_ordinal 
'Weil, J.'       1 
'Min, T.'        2 
'Cheng, Y.'      3 
'Wang, S.'       4 
'Sutherland, C.' 5 
'Sinha, N.'      6 
'Kang, C.'       7 
# 
_citation.id                        primary 
_citation.title                     
'Stabilization of the i-motif by intramolecular adenine-adenine-thymine base triple in the structure of d(ACCCT).' 
_citation.journal_abbrev            'Acta Crystallogr.,Sect.D' 
_citation.journal_volume            55 
_citation.page_first                422 
_citation.page_last                 429 
_citation.year                      1999 
_citation.journal_id_ASTM           ABCRE6 
_citation.country                   DK 
_citation.journal_id_ISSN           0907-4449 
_citation.journal_id_CSD            0766 
_citation.book_publisher            ? 
_citation.pdbx_database_id_PubMed   10089350 
_citation.pdbx_database_id_DOI      10.1107/S0907444998012529 
# 
loop_
_citation_author.citation_id 
_citation_author.name 
_citation_author.ordinal 
_citation_author.identifier_ORCID 
primary 'Weil, J.'       1 ? 
primary 'Min, T.'        2 ? 
primary 'Yang, C.'       3 ? 
primary 'Wang, S.'       4 ? 
primary 'Sutherland, C.' 5 ? 
primary 'Sinha, N.'      6 ? 
primary 'Kang, C.'       7 ? 
# 
_cell.entry_id           1CN0 
_cell.length_a           93.810 
_cell.length_b           93.810 
_cell.length_c           93.810 
_cell.angle_alpha        90.00 
_cell.angle_beta         90.00 
_cell.angle_gamma        90.00 
_cell.Z_PDB              96 
_cell.pdbx_unique_axis   ? 
# 
_symmetry.entry_id                         1CN0 
_symmetry.space_group_name_H-M             'I 2 3' 
_symmetry.pdbx_full_space_group_name_H-M   ? 
_symmetry.cell_setting                     cubic 
_symmetry.Int_Tables_number                197 
# 
loop_
_entity.id 
_entity.type 
_entity.src_method 
_entity.pdbx_description 
_entity.formula_weight 
_entity.pdbx_number_of_molecules 
_entity.pdbx_ec 
_entity.pdbx_mutation 
_entity.pdbx_fragment 
_entity.details 
1 polymer syn 
;DNA (5'-D(*AP*CP*CP*CP*T)-3')
;
1439.988 4  ? ? ? ? 
2 water   nat water                           18.015   62 ? ? ? ? 
# 
_entity_poly.entity_id                      1 
_entity_poly.type                           polydeoxyribonucleotide 
_entity_poly.nstd_linkage                   no 
_entity_poly.nstd_monomer                   no 
_entity_poly.pdbx_seq_one_letter_code       '(DA)(DC)(DC)(DC)(DT)' 
_entity_poly.pdbx_seq_one_letter_code_can   ACCCT 
_entity_poly.pdbx_strand_id                 A,B,C,D 
_entity_poly.pdbx_target_identifier         ? 
# 
loop_
_entity_poly_seq.entity_id 
_entity_poly_seq.num 
_entity_poly_seq.mon_id 
_entity_poly_seq.hetero 
1 1 DA n 
1 2 DC n 
1 3 DC n 
1 4 DC n 
1 5 DT n 
# 
_pdbx_entity_src_syn.entity_id              1 
_pdbx_entity_src_syn.pdbx_src_id            1 
_pdbx_entity_src_syn.pdbx_alt_source_flag   sample 
_pdbx_entity_src_syn.pdbx_beg_seq_num       ? 
_pdbx_entity_src_syn.pdbx_end_seq_num       ? 
_pdbx_entity_src_syn.organism_scientific    ? 
_pdbx_entity_src_syn.organism_common_name   ? 
_pdbx_entity_src_syn.ncbi_taxonomy_id       ? 
_pdbx_entity_src_syn.details                'CHEMICAL SYNTHESIS OF SEQUENCE FROM HUMAN TELOMERIC DNA' 
# 
_struct_ref.id                         1 
_struct_ref.entity_id                  1 
_struct_ref.db_name                    PDB 
_struct_ref.db_code                    1CN0 
_struct_ref.pdbx_db_accession          1CN0 
_struct_ref.pdbx_db_isoform            ? 
_struct_ref.pdbx_seq_one_letter_code   ? 
_struct_ref.pdbx_align_begin           ? 
# 
loop_
_struct_ref_seq.align_id 
_struct_ref_seq.ref_id 
_struct_ref_seq.pdbx_PDB_id_code 
_struct_ref_seq.pdbx_strand_id 
_struct_ref_seq.seq_align_beg 
_struct_ref_seq.pdbx_seq_align_beg_ins_code 
_struct_ref_seq.seq_align_end 
_struct_ref_seq.pdbx_seq_align_end_ins_code 
_struct_ref_seq.pdbx_db_accession 
_struct_ref_seq.db_align_beg 
_struct_ref_seq.pdbx_db_align_beg_ins_code 
_struct_ref_seq.db_align_end 
_struct_ref_seq.pdbx_db_align_end_ins_code 
_struct_ref_seq.pdbx_auth_seq_align_beg 
_struct_ref_seq.pdbx_auth_seq_align_end 
1 1 1CN0 A 1 ? 5 ? 1CN0 1  ? 5  ? 1  5  
2 1 1CN0 B 1 ? 5 ? 1CN0 6  ? 10 ? 6  10 
3 1 1CN0 C 1 ? 5 ? 1CN0 11 ? 15 ? 11 15 
4 1 1CN0 D 1 ? 5 ? 1CN0 16 ? 20 ? 16 20 
# 
loop_
_chem_comp.id 
_chem_comp.type 
_chem_comp.mon_nstd_flag 
_chem_comp.name 
_chem_comp.pdbx_synonyms 
_chem_comp.formula 
_chem_comp.formula_weight 
DA  'DNA linking' y "2'-DEOXYADENOSINE-5'-MONOPHOSPHATE" ? 'C10 H14 N5 O6 P' 331.222 
DC  'DNA linking' y "2'-DEOXYCYTIDINE-5'-MONOPHOSPHATE"  ? 'C9 H14 N3 O7 P'  307.197 
DT  'DNA linking' y "THYMIDINE-5'-MONOPHOSPHATE"         ? 'C10 H15 N2 O8 P' 322.208 
HOH non-polymer   . WATER                                ? 'H2 O'            18.015  
# 
_exptl.entry_id          1CN0 
_exptl.method            'X-RAY DIFFRACTION' 
_exptl.crystals_number   1 
# 
_exptl_crystal.id                    1 
_exptl_crystal.density_meas          ? 
_exptl_crystal.density_percent_sol   ? 
_exptl_crystal.density_Matthews      ? 
_exptl_crystal.description           ? 
# 
_exptl_crystal_grow.crystal_id      1 
_exptl_crystal_grow.method          'VAPOR DIFFUSION, HANGING DROP' 
_exptl_crystal_grow.temp            ? 
_exptl_crystal_grow.temp_details    ? 
_exptl_crystal_grow.pH              7 
_exptl_crystal_grow.pdbx_details    
'10%(V/V)2-PROPANOL, 20%(V/V)ETHANOL, 1.0M(NH4)2SO4, 1.5M NACL, 5MM MGCL2 AND 2MM SPERMINE., pH 7, VAPOR DIFFUSION, HANGING DROP' 
_exptl_crystal_grow.pdbx_pH_range   ? 
# 
loop_
_exptl_crystal_grow_comp.crystal_id 
_exptl_crystal_grow_comp.id 
_exptl_crystal_grow_comp.sol_id 
_exptl_crystal_grow_comp.name 
_exptl_crystal_grow_comp.volume 
_exptl_crystal_grow_comp.conc 
_exptl_crystal_grow_comp.details 
1 1 1 2-PROPANOL  ? ? ? 
1 2 1 ETHANOL     ? ? ? 
1 3 1 '(NH4)2SO4' ? ? ? 
1 4 1 NACL        ? ? ? 
1 5 1 MGCL2       ? ? ? 
1 6 1 SPERMINE    ? ? ? 
# 
_diffrn.id                     1 
_diffrn.ambient_temp           103.15 
_diffrn.ambient_temp_details   ? 
_diffrn.crystal_id             1 
# 
_diffrn_detector.diffrn_id              1 
_diffrn_detector.detector               'IMAGE PLATE' 
_diffrn_detector.type                   'RIGAKU RAXIS IIC' 
_diffrn_detector.pdbx_collection_date   1997-11-15 
_diffrn_detector.details                MIRRORS 
# 
_diffrn_radiation.diffrn_id                        1 
_diffrn_radiation.wavelength_id                    1 
_diffrn_radiation.pdbx_monochromatic_or_laue_m_l   M 
_diffrn_radiation.monochromator                    'NI FILTER' 
_diffrn_radiation.pdbx_diffrn_protocol             'SINGLE WAVELENGTH' 
_diffrn_radiation.pdbx_scattering_type             x-ray 
# 
_diffrn_radiation_wavelength.id           1 
_diffrn_radiation_wavelength.wavelength   1.5418 
_diffrn_radiation_wavelength.wt           1.0 
# 
_diffrn_source.diffrn_id                   1 
_diffrn_source.source                      'ROTATING ANODE' 
_diffrn_source.type                        'RIGAKU RU200' 
_diffrn_source.pdbx_synchrotron_site       ? 
_diffrn_source.pdbx_synchrotron_beamline   ? 
_diffrn_source.pdbx_wavelength             1.5418 
_diffrn_source.pdbx_wavelength_list        ? 
# 
_reflns.entry_id                     1CN0 
_reflns.observed_criterion_sigma_I   2 
_reflns.observed_criterion_sigma_F   ? 
_reflns.d_resolution_low             15 
_reflns.d_resolution_high            2.2 
_reflns.number_obs                   7136 
_reflns.number_all                   ? 
_reflns.percent_possible_obs         98.5 
_reflns.pdbx_Rmerge_I_obs            0.0350000 
_reflns.pdbx_Rsym_value              3.5000000 
_reflns.pdbx_netI_over_sigmaI        ? 
_reflns.B_iso_Wilson_estimate        ? 
_reflns.pdbx_redundancy              4.5 
_reflns.R_free_details               ? 
_reflns.pdbx_diffrn_id               1 
_reflns.pdbx_ordinal                 1 
# 
_reflns_shell.d_res_high             2.2 
_reflns_shell.d_res_low              2.3 
_reflns_shell.percent_possible_all   96.3 
_reflns_shell.Rmerge_I_obs           ? 
_reflns_shell.pdbx_Rsym_value        ? 
_reflns_shell.meanI_over_sigI_obs    ? 
_reflns_shell.pdbx_redundancy        ? 
_reflns_shell.percent_possible_obs   ? 
_reflns_shell.number_unique_all      ? 
_reflns_shell.pdbx_diffrn_id         ? 
_reflns_shell.pdbx_ordinal           1 
# 
_refine.entry_id                                 1CN0 
_refine.ls_number_reflns_obs                     6914 
_refine.ls_number_reflns_all                     ? 
_refine.pdbx_ls_sigma_I                          ? 
_refine.pdbx_ls_sigma_F                          2 
_refine.pdbx_data_cutoff_high_absF               1000000 
_refine.pdbx_data_cutoff_low_absF                0.001 
_refine.pdbx_data_cutoff_high_rms_absF           ? 
_refine.ls_d_res_low                             15 
_refine.ls_d_res_high                            2.2 
_refine.ls_percent_reflns_obs                    98.5 
_refine.ls_R_factor_obs                          0.1920000 
_refine.ls_R_factor_all                          ? 
_refine.ls_R_factor_R_work                       0.1920000 
_refine.ls_R_factor_R_free                       0.2350000 
_refine.ls_R_factor_R_free_error                 ? 
_refine.ls_R_factor_R_free_error_details         ? 
_refine.ls_percent_reflns_R_free                 10 
_refine.ls_number_reflns_R_free                  689 
_refine.ls_number_parameters                     ? 
_refine.ls_number_restraints                     ? 
_refine.occupancy_min                            ? 
_refine.occupancy_max                            ? 
_refine.B_iso_mean                               ? 
_refine.aniso_B[1][1]                            ? 
_refine.aniso_B[2][2]                            ? 
_refine.aniso_B[3][3]                            ? 
_refine.aniso_B[1][2]                            ? 
_refine.aniso_B[1][3]                            ? 
_refine.aniso_B[2][3]                            ? 
_refine.solvent_model_details                    ? 
_refine.solvent_model_param_ksol                 ? 
_refine.solvent_model_param_bsol                 ? 
_refine.pdbx_ls_cross_valid_method               THROUGHOUT 
_refine.details                                  ? 
_refine.pdbx_starting_model                      191D 
_refine.pdbx_method_to_determine_struct          'MOLECULAR REPLACEMENT' 
_refine.pdbx_isotropic_thermal_model             ? 
_refine.pdbx_stereochemistry_target_values       ? 
_refine.pdbx_stereochem_target_val_spec_case     ? 
_refine.pdbx_R_Free_selection_details            RANDOM 
_refine.pdbx_overall_ESU_R                       ? 
_refine.pdbx_overall_ESU_R_Free                  ? 
_refine.overall_SU_ML                            ? 
_refine.overall_SU_B                             ? 
_refine.ls_redundancy_reflns_obs                 ? 
_refine.correlation_coeff_Fo_to_Fc               ? 
_refine.correlation_coeff_Fo_to_Fc_free          ? 
_refine.overall_SU_R_Cruickshank_DPI             ? 
_refine.overall_SU_R_free                        ? 
_refine.pdbx_refine_id                           'X-RAY DIFFRACTION' 
_refine.pdbx_diffrn_id                           1 
_refine.pdbx_TLS_residual_ADP_flag               ? 
_refine.pdbx_solvent_vdw_probe_radii             ? 
_refine.pdbx_solvent_ion_probe_radii             ? 
_refine.pdbx_solvent_shrinkage_radii             ? 
_refine.pdbx_overall_phase_error                 ? 
_refine.pdbx_overall_SU_R_free_Cruickshank_DPI   ? 
_refine.pdbx_overall_SU_R_Blow_DPI               ? 
_refine.pdbx_overall_SU_R_free_Blow_DPI          ? 
# 
_refine_analyze.entry_id                        1CN0 
_refine_analyze.Luzzati_coordinate_error_obs    ? 
_refine_analyze.Luzzati_sigma_a_obs             ? 
_refine_analyze.Luzzati_d_res_low_obs           8.0 
_refine_analyze.Luzzati_coordinate_error_free   ? 
_refine_analyze.Luzzati_sigma_a_free            ? 
_refine_analyze.Luzzati_d_res_low_free          ? 
_refine_analyze.number_disordered_residues      ? 
_refine_analyze.occupancy_sum_hydrogen          ? 
_refine_analyze.occupancy_sum_non_hydrogen      ? 
_refine_analyze.pdbx_refine_id                  'X-RAY DIFFRACTION' 
# 
_refine_hist.pdbx_refine_id                   'X-RAY DIFFRACTION' 
_refine_hist.cycle_id                         LAST 
_refine_hist.pdbx_number_atoms_protein        0 
_refine_hist.pdbx_number_atoms_nucleic_acid   360 
_refine_hist.pdbx_number_atoms_ligand         0 
_refine_hist.number_atoms_solvent             62 
_refine_hist.number_atoms_total               422 
_refine_hist.d_res_high                       2.2 
_refine_hist.d_res_low                        15 
# 
loop_
_refine_ls_restr.type 
_refine_ls_restr.dev_ideal 
_refine_ls_restr.dev_ideal_target 
_refine_ls_restr.weight 
_refine_ls_restr.number 
_refine_ls_restr.pdbx_refine_id 
_refine_ls_restr.pdbx_restraint_function 
x_bond_d                0.004 ? ? ? 'X-RAY DIFFRACTION' ? 
x_bond_d_na             ?     ? ? ? 'X-RAY DIFFRACTION' ? 
x_bond_d_prot           ?     ? ? ? 'X-RAY DIFFRACTION' ? 
x_angle_d               ?     ? ? ? 'X-RAY DIFFRACTION' ? 
x_angle_d_na            ?     ? ? ? 'X-RAY DIFFRACTION' ? 
x_angle_d_prot          ?     ? ? ? 'X-RAY DIFFRACTION' ? 
x_angle_deg             0.574 ? ? ? 'X-RAY DIFFRACTION' ? 
x_angle_deg_na          ?     ? ? ? 'X-RAY DIFFRACTION' ? 
x_angle_deg_prot        ?     ? ? ? 'X-RAY DIFFRACTION' ? 
x_dihedral_angle_d      23.6  ? ? ? 'X-RAY DIFFRACTION' ? 
x_dihedral_angle_d_na   ?     ? ? ? 'X-RAY DIFFRACTION' ? 
x_dihedral_angle_d_prot ?     ? ? ? 'X-RAY DIFFRACTION' ? 
x_improper_angle_d      1.067 ? ? ? 'X-RAY DIFFRACTION' ? 
x_improper_angle_d_na   ?     ? ? ? 'X-RAY DIFFRACTION' ? 
x_improper_angle_d_prot ?     ? ? ? 'X-RAY DIFFRACTION' ? 
x_mcbond_it             ?     ? ? ? 'X-RAY DIFFRACTION' ? 
x_mcangle_it            ?     ? ? ? 'X-RAY DIFFRACTION' ? 
x_scbond_it             ?     ? ? ? 'X-RAY DIFFRACTION' ? 
x_scangle_it            ?     ? ? ? 'X-RAY DIFFRACTION' ? 
# 
_pdbx_xplor_file.serial_no        1 
_pdbx_xplor_file.param_file       DNA-RAN_REF.PARAM 
_pdbx_xplor_file.topol_file       DNA-RNA.TOP 
_pdbx_xplor_file.pdbx_refine_id   'X-RAY DIFFRACTION' 
# 
_struct.entry_id                  1CN0 
_struct.title                     'CRYSTAL STRUCTURE OF D(ACCCT)' 
_struct.pdbx_model_details        ? 
_struct.pdbx_CASP_flag            ? 
_struct.pdbx_model_type_details   ? 
# 
_struct_keywords.entry_id        1CN0 
_struct_keywords.pdbx_keywords   DNA 
_struct_keywords.text            'TELOMERE, I-MOTIF, DNA' 
# 
loop_
_struct_asym.id 
_struct_asym.pdbx_blank_PDB_chainid_flag 
_struct_asym.pdbx_modified 
_struct_asym.entity_id 
_struct_asym.details 
A N N 1 ? 
B N N 1 ? 
C N N 1 ? 
D N N 1 ? 
E N N 2 ? 
F N N 2 ? 
G N N 2 ? 
H N N 2 ? 
# 
_struct_biol.id                    1 
_struct_biol.pdbx_parent_biol_id   ? 
_struct_biol.details               ? 
# 
loop_
_struct_conn.id 
_struct_conn.conn_type_id 
_struct_conn.pdbx_leaving_atom_flag 
_struct_conn.pdbx_PDB_id 
_struct_conn.ptnr1_label_asym_id 
_struct_conn.ptnr1_label_comp_id 
_struct_conn.ptnr1_label_seq_id 
_struct_conn.ptnr1_label_atom_id 
_struct_conn.pdbx_ptnr1_label_alt_id 
_struct_conn.pdbx_ptnr1_PDB_ins_code 
_struct_conn.pdbx_ptnr1_standard_comp_id 
_struct_conn.ptnr1_symmetry 
_struct_conn.ptnr2_label_asym_id 
_struct_conn.ptnr2_label_comp_id 
_struct_conn.ptnr2_label_seq_id 
_struct_conn.ptnr2_label_atom_id 
_struct_conn.pdbx_ptnr2_label_alt_id 
_struct_conn.pdbx_ptnr2_PDB_ins_code 
_struct_conn.ptnr1_auth_asym_id 
_struct_conn.ptnr1_auth_comp_id 
_struct_conn.ptnr1_auth_seq_id 
_struct_conn.ptnr2_auth_asym_id 
_struct_conn.ptnr2_auth_comp_id 
_struct_conn.ptnr2_auth_seq_id 
_struct_conn.ptnr2_symmetry 
_struct_conn.pdbx_ptnr3_label_atom_id 
_struct_conn.pdbx_ptnr3_label_seq_id 
_struct_conn.pdbx_ptnr3_label_comp_id 
_struct_conn.pdbx_ptnr3_label_asym_id 
_struct_conn.pdbx_ptnr3_label_alt_id 
_struct_conn.pdbx_ptnr3_PDB_ins_code 
_struct_conn.details 
_struct_conn.pdbx_dist_value 
_struct_conn.pdbx_value_order 
_struct_conn.pdbx_role 
hydrog1  hydrog ? ? A DA 1 N1 ? ? ? 1_555 B DA 1 N6 ? ? A DA 1  B DA 6  1_555 ? ? ? ? ? ? TYPE_5_PAIR          ? ? ? 
hydrog2  hydrog ? ? A DA 1 N6 ? ? ? 1_555 B DA 1 N7 ? ? A DA 1  B DA 6  1_555 ? ? ? ? ? ? TYPE_5_PAIR          ? ? ? 
hydrog3  hydrog ? ? A DA 1 N6 ? ? ? 1_555 C DT 5 O2 ? ? A DA 1  C DT 15 1_555 ? ? ? ? ? ? 'REVERSED HOOGSTEEN' ? ? ? 
hydrog4  hydrog ? ? A DA 1 N7 ? ? ? 1_555 C DT 5 N3 ? ? A DA 1  C DT 15 1_555 ? ? ? ? ? ? 'REVERSED HOOGSTEEN' ? ? ? 
hydrog5  hydrog ? ? A DC 2 N4 ? ? ? 1_555 B DC 2 O2 ? ? A DC 2  B DC 7  1_555 ? ? ? ? ? ? TYPE_15_PAIR         ? ? ? 
hydrog6  hydrog ? ? A DC 2 O2 ? ? ? 1_555 B DC 2 N4 ? ? A DC 2  B DC 7  1_555 ? ? ? ? ? ? TYPE_15_PAIR         ? ? ? 
hydrog7  hydrog ? ? A DC 3 N4 ? ? ? 1_555 B DC 3 O2 ? ? A DC 3  B DC 8  1_555 ? ? ? ? ? ? TYPE_15_PAIR         ? ? ? 
hydrog8  hydrog ? ? A DC 3 O2 ? ? ? 1_555 B DC 3 N4 ? ? A DC 3  B DC 8  1_555 ? ? ? ? ? ? TYPE_15_PAIR         ? ? ? 
hydrog9  hydrog ? ? A DC 4 N4 ? ? ? 1_555 B DC 4 O2 ? ? A DC 4  B DC 9  1_555 ? ? ? ? ? ? TYPE_15_PAIR         ? ? ? 
hydrog10 hydrog ? ? A DC 4 O2 ? ? ? 1_555 B DC 4 N4 ? ? A DC 4  B DC 9  1_555 ? ? ? ? ? ? TYPE_15_PAIR         ? ? ? 
hydrog11 hydrog ? ? B DT 5 N3 ? ? ? 1_555 D DA 1 N1 ? ? B DT 10 D DA 16 1_555 ? ? ? ? ? ? WATSON-CRICK         ? ? ? 
hydrog12 hydrog ? ? B DT 5 O4 ? ? ? 1_555 D DA 1 N6 ? ? B DT 10 D DA 16 1_555 ? ? ? ? ? ? WATSON-CRICK         ? ? ? 
hydrog13 hydrog ? ? C DC 2 N4 ? ? ? 1_555 D DC 2 O2 ? ? C DC 12 D DC 17 1_555 ? ? ? ? ? ? TYPE_15_PAIR         ? ? ? 
hydrog14 hydrog ? ? C DC 2 O2 ? ? ? 1_555 D DC 2 N4 ? ? C DC 12 D DC 17 1_555 ? ? ? ? ? ? TYPE_15_PAIR         ? ? ? 
hydrog15 hydrog ? ? C DC 3 N4 ? ? ? 1_555 D DC 3 O2 ? ? C DC 13 D DC 18 1_555 ? ? ? ? ? ? TYPE_15_PAIR         ? ? ? 
hydrog16 hydrog ? ? C DC 3 O2 ? ? ? 1_555 D DC 3 N4 ? ? C DC 13 D DC 18 1_555 ? ? ? ? ? ? TYPE_15_PAIR         ? ? ? 
hydrog17 hydrog ? ? C DC 4 N4 ? ? ? 1_555 D DC 4 O2 ? ? C DC 14 D DC 19 1_555 ? ? ? ? ? ? TYPE_15_PAIR         ? ? ? 
hydrog18 hydrog ? ? C DC 4 O2 ? ? ? 1_555 D DC 4 N4 ? ? C DC 14 D DC 19 1_555 ? ? ? ? ? ? TYPE_15_PAIR         ? ? ? 
# 
_struct_conn_type.id          hydrog 
_struct_conn_type.criteria    ? 
_struct_conn_type.reference   ? 
# 
_atom_sites.entry_id                    1CN0 
_atom_sites.fract_transf_matrix[1][1]   -0.00403510 
_atom_sites.fract_transf_matrix[1][2]   -0.00383613 
_atom_sites.fract_transf_matrix[1][3]   0.00909053 
_atom_sites.fract_transf_matrix[2][1]   -0.00862114 
_atom_sites.fract_transf_matrix[2][2]   0.00614756 
_atom_sites.fract_transf_matrix[2][3]   -0.00123252 
_atom_sites.fract_transf_matrix[3][1]   -0.00479892 
_atom_sites.fract_transf_matrix[3][2]   -0.00781839 
_atom_sites.fract_transf_matrix[3][3]   -0.00542944 
_atom_sites.fract_transf_vector[1]      0.374403 
_atom_sites.fract_transf_vector[2]      0.649714 
_atom_sites.fract_transf_vector[3]      -0.007144 
# 
loop_
_atom_type.symbol 
C 
N 
O 
P 
# 
loop_
_atom_site.group_PDB 
_atom_site.id 
_atom_site.type_symbol 
_atom_site.label_atom_id 
_atom_site.label_alt_id 
_atom_site.label_comp_id 
_atom_site.label_asym_id 
_atom_site.label_entity_id 
_atom_site.label_seq_id 
_atom_site.pdbx_PDB_ins_code 
_atom_site.Cartn_x 
_atom_site.Cartn_y 
_atom_site.Cartn_z 
_atom_site.occupancy 
_atom_site.B_iso_or_equiv 
_atom_site.pdbx_formal_charge 
_atom_site.auth_seq_id 
_atom_site.auth_comp_id 
_atom_site.auth_asym_id 
_atom_site.auth_atom_id 
_atom_site.pdbx_PDB_model_num 
ATOM   1   O "O5'" . DA  A 1 1 ? -13.413 4.137   1.837   1.00 19.16  ? 1  DA  A "O5'" 1 
ATOM   2   C "C5'" . DA  A 1 1 ? -13.657 4.618   3.164   1.00 14.40  ? 1  DA  A "C5'" 1 
ATOM   3   C "C4'" . DA  A 1 1 ? -12.507 4.386   4.118   1.00 14.29  ? 1  DA  A "C4'" 1 
ATOM   4   O "O4'" . DA  A 1 1 ? -12.155 2.982   4.160   1.00 14.77  ? 1  DA  A "O4'" 1 
ATOM   5   C "C3'" . DA  A 1 1 ? -11.219 5.134   3.779   1.00 15.72  ? 1  DA  A "C3'" 1 
ATOM   6   O "O3'" . DA  A 1 1 ? -10.648 5.645   4.987   1.00 18.10  ? 1  DA  A "O3'" 1 
ATOM   7   C "C2'" . DA  A 1 1 ? -10.334 4.057   3.173   1.00 12.98  ? 1  DA  A "C2'" 1 
ATOM   8   C "C1'" . DA  A 1 1 ? -10.766 2.816   3.932   1.00 10.56  ? 1  DA  A "C1'" 1 
ATOM   9   N N9    . DA  A 1 1 ? -10.589 1.562   3.199   1.00 7.87   ? 1  DA  A N9    1 
ATOM   10  C C8    . DA  A 1 1 ? -10.705 1.356   1.849   1.00 9.64   ? 1  DA  A C8    1 
ATOM   11  N N7    . DA  A 1 1 ? -10.548 0.102   1.490   1.00 11.39  ? 1  DA  A N7    1 
ATOM   12  C C5    . DA  A 1 1 ? -10.302 -0.556  2.684   1.00 7.98   ? 1  DA  A C5    1 
ATOM   13  C C6    . DA  A 1 1 ? -10.084 -1.909  2.989   1.00 11.73  ? 1  DA  A C6    1 
ATOM   14  N N6    . DA  A 1 1 ? -10.084 -2.884  2.079   1.00 13.79  ? 1  DA  A N6    1 
ATOM   15  N N1    . DA  A 1 1 ? -9.869  -2.232  4.281   1.00 11.20  ? 1  DA  A N1    1 
ATOM   16  C C2    . DA  A 1 1 ? -9.882  -1.257  5.198   1.00 11.17  ? 1  DA  A C2    1 
ATOM   17  N N3    . DA  A 1 1 ? -10.090 0.046   5.039   1.00 13.64  ? 1  DA  A N3    1 
ATOM   18  C C4    . DA  A 1 1 ? -10.300 0.335   3.742   1.00 10.09  ? 1  DA  A C4    1 
ATOM   19  P P     . DC  A 1 2 ? -9.449  6.710   4.919   1.00 16.97  ? 2  DC  A P     1 
ATOM   20  O OP1   . DC  A 1 2 ? -9.545  7.588   6.107   1.00 18.22  ? 2  DC  A OP1   1 
ATOM   21  O OP2   . DC  A 1 2 ? -9.445  7.304   3.564   1.00 21.01  ? 2  DC  A OP2   1 
ATOM   22  O "O5'" . DC  A 1 2 ? -8.145  5.817   5.083   1.00 18.98  ? 2  DC  A "O5'" 1 
ATOM   23  C "C5'" . DC  A 1 2 ? -7.883  5.146   6.307   1.00 15.03  ? 2  DC  A "C5'" 1 
ATOM   24  C "C4'" . DC  A 1 2 ? -6.883  4.041   6.086   1.00 14.13  ? 2  DC  A "C4'" 1 
ATOM   25  O "O4'" . DC  A 1 2 ? -7.466  3.016   5.266   1.00 15.89  ? 2  DC  A "O4'" 1 
ATOM   26  C "C3'" . DC  A 1 2 ? -5.627  4.447   5.326   1.00 14.81  ? 2  DC  A "C3'" 1 
ATOM   27  O "O3'" . DC  A 1 2 ? -4.684  4.994   6.244   1.00 21.44  ? 2  DC  A "O3'" 1 
ATOM   28  C "C2'" . DC  A 1 2 ? -5.138  3.116   4.775   1.00 12.30  ? 2  DC  A "C2'" 1 
ATOM   29  C "C1'" . DC  A 1 2 ? -6.412  2.262   4.681   1.00 14.86  ? 2  DC  A "C1'" 1 
ATOM   30  N N1    . DC  A 1 2 ? -6.807  1.942   3.309   1.00 12.80  ? 2  DC  A N1    1 
ATOM   31  C C2    . DC  A 1 2 ? -6.930  0.610   2.943   1.00 12.89  ? 2  DC  A C2    1 
ATOM   32  O O2    . DC  A 1 2 ? -6.760  -0.266  3.810   1.00 12.55  ? 2  DC  A O2    1 
ATOM   33  N N3    . DC  A 1 2 ? -7.238  0.305   1.660   1.00 12.45  ? 2  DC  A N3    1 
ATOM   34  C C4    . DC  A 1 2 ? -7.433  1.283   0.770   1.00 9.21   ? 2  DC  A C4    1 
ATOM   35  N N4    . DC  A 1 2 ? -7.706  0.940   -0.491  1.00 9.72   ? 2  DC  A N4    1 
ATOM   36  C C5    . DC  A 1 2 ? -7.349  2.653   1.130   1.00 9.76   ? 2  DC  A C5    1 
ATOM   37  C C6    . DC  A 1 2 ? -7.035  2.936   2.398   1.00 14.72  ? 2  DC  A C6    1 
ATOM   38  P P     . DC  A 1 3 ? -3.435  5.840   5.701   1.00 20.59  ? 3  DC  A P     1 
ATOM   39  O OP1   . DC  A 1 3 ? -3.167  6.895   6.706   1.00 23.04  ? 3  DC  A OP1   1 
ATOM   40  O OP2   . DC  A 1 3 ? -3.699  6.223   4.294   1.00 26.15  ? 3  DC  A OP2   1 
ATOM   41  O "O5'" . DC  A 1 3 ? -2.242  4.786   5.721   1.00 17.88  ? 3  DC  A "O5'" 1 
ATOM   42  C "C5'" . DC  A 1 3 ? -2.055  3.928   6.839   1.00 15.58  ? 3  DC  A "C5'" 1 
ATOM   43  C "C4'" . DC  A 1 3 ? -1.060  2.841   6.507   1.00 13.26  ? 3  DC  A "C4'" 1 
ATOM   44  O "O4'" . DC  A 1 3 ? -1.612  1.963   5.509   1.00 15.55  ? 3  DC  A "O4'" 1 
ATOM   45  C "C3'" . DC  A 1 3 ? 0.245   3.316   5.890   1.00 16.88  ? 3  DC  A "C3'" 1 
ATOM   46  O "O3'" . DC  A 1 3 ? 1.151   3.730   6.912   1.00 21.67  ? 3  DC  A "O3'" 1 
ATOM   47  C "C2'" . DC  A 1 3 ? 0.744   2.052   5.218   1.00 13.71  ? 3  DC  A "C2'" 1 
ATOM   48  C "C1'" . DC  A 1 3 ? -0.548  1.364   4.777   1.00 12.36  ? 3  DC  A "C1'" 1 
ATOM   49  N N1    . DC  A 1 3 ? -0.835  1.535   3.348   1.00 15.29  ? 3  DC  A N1    1 
ATOM   50  C C2    . DC  A 1 3 ? -0.745  0.424   2.508   1.00 13.09  ? 3  DC  A C2    1 
ATOM   51  O O2    . DC  A 1 3 ? -0.476  -0.683  3.003   1.00 13.85  ? 3  DC  A O2    1 
ATOM   52  N N3    . DC  A 1 3 ? -0.960  0.583   1.185   1.00 14.59  ? 3  DC  A N3    1 
ATOM   53  C C4    . DC  A 1 3 ? -1.265  1.787   0.696   1.00 11.21  ? 3  DC  A C4    1 
ATOM   54  N N4    . DC  A 1 3 ? -1.455  1.895   -0.618  1.00 16.08  ? 3  DC  A N4    1 
ATOM   55  C C5    . DC  A 1 3 ? -1.387  2.930   1.533   1.00 9.98   ? 3  DC  A C5    1 
ATOM   56  C C6    . DC  A 1 3 ? -1.167  2.762   2.841   1.00 15.76  ? 3  DC  A C6    1 
ATOM   57  P P     . DC  A 1 4 ? 2.366   4.716   6.550   1.00 22.71  ? 4  DC  A P     1 
ATOM   58  O OP1   . DC  A 1 4 ? 2.654   5.489   7.773   1.00 26.31  ? 4  DC  A OP1   1 
ATOM   59  O OP2   . DC  A 1 4 ? 2.048   5.432   5.289   1.00 28.96  ? 4  DC  A OP2   1 
ATOM   60  O "O5'" . DC  A 1 4 ? 3.584   3.737   6.260   1.00 22.71  ? 4  DC  A "O5'" 1 
ATOM   61  C "C5'" . DC  A 1 4 ? 3.812   2.597   7.079   1.00 20.40  ? 4  DC  A "C5'" 1 
ATOM   62  C "C4'" . DC  A 1 4 ? 4.922   1.756   6.496   1.00 22.16  ? 4  DC  A "C4'" 1 
ATOM   63  O "O4'" . DC  A 1 4 ? 4.502   1.193   5.239   1.00 22.54  ? 4  DC  A "O4'" 1 
ATOM   64  C "C3'" . DC  A 1 4 ? 6.183   2.530   6.150   1.00 24.62  ? 4  DC  A "C3'" 1 
ATOM   65  O "O3'" . DC  A 1 4 ? 7.009   2.640   7.307   1.00 31.73  ? 4  DC  A "O3'" 1 
ATOM   66  C "C2'" . DC  A 1 4 ? 6.831   1.637   5.109   1.00 22.50  ? 4  DC  A "C2'" 1 
ATOM   67  C "C1'" . DC  A 1 4 ? 5.637   0.993   4.406   1.00 17.31  ? 4  DC  A "C1'" 1 
ATOM   68  N N1    . DC  A 1 4 ? 5.336   1.579   3.094   1.00 17.70  ? 4  DC  A N1    1 
ATOM   69  C C2    . DC  A 1 4 ? 5.370   0.759   1.969   1.00 16.70  ? 4  DC  A C2    1 
ATOM   70  O O2    . DC  A 1 4 ? 5.633   -0.443  2.115   1.00 16.20  ? 4  DC  A O2    1 
ATOM   71  N N3    . DC  A 1 4 ? 5.114   1.295   0.752   1.00 16.64  ? 4  DC  A N3    1 
ATOM   72  C C4    . DC  A 1 4 ? 4.830   2.596   0.644   1.00 15.08  ? 4  DC  A C4    1 
ATOM   73  N N4    . DC  A 1 4 ? 4.590   3.090   -0.575  1.00 17.12  ? 4  DC  A N4    1 
ATOM   74  C C5    . DC  A 1 4 ? 4.781   3.451   1.777   1.00 16.28  ? 4  DC  A C5    1 
ATOM   75  C C6    . DC  A 1 4 ? 5.036   2.906   2.973   1.00 19.36  ? 4  DC  A C6    1 
ATOM   76  O "O5'" . DA  B 1 1 ? -6.137  -9.071  -1.257  1.00 29.83  ? 6  DA  B "O5'" 1 
ATOM   77  C "C5'" . DA  B 1 1 ? -6.529  -8.912  0.117   1.00 32.59  ? 6  DA  B "C5'" 1 
ATOM   78  C "C4'" . DA  B 1 1 ? -7.846  -9.585  0.434   1.00 34.35  ? 6  DA  B "C4'" 1 
ATOM   79  O "O4'" . DA  B 1 1 ? -8.147  -9.415  1.837   1.00 34.90  ? 6  DA  B "O4'" 1 
ATOM   80  C "C3'" . DA  B 1 1 ? -9.043  -9.007  -0.313  1.00 42.50  ? 6  DA  B "C3'" 1 
ATOM   81  O "O3'" . DA  B 1 1 ? -9.279  -9.757  -1.510  1.00 53.95  ? 6  DA  B "O3'" 1 
ATOM   82  C "C2'" . DA  B 1 1 ? -10.193 -9.189  0.662   1.00 38.31  ? 6  DA  B "C2'" 1 
ATOM   83  C "C1'" . DA  B 1 1 ? -9.525  -9.099  2.026   1.00 32.79  ? 6  DA  B "C1'" 1 
ATOM   84  N N9    . DA  B 1 1 ? -9.601  -7.782  2.668   1.00 29.63  ? 6  DA  B N9    1 
ATOM   85  C C8    . DA  B 1 1 ? -9.618  -6.542  2.073   1.00 21.91  ? 6  DA  B C8    1 
ATOM   86  N N7    . DA  B 1 1 ? -9.641  -5.548  2.926   1.00 22.26  ? 6  DA  B N7    1 
ATOM   87  C C5    . DA  B 1 1 ? -9.645  -6.170  4.168   1.00 20.80  ? 6  DA  B C5    1 
ATOM   88  C C6    . DA  B 1 1 ? -9.644  -5.665  5.485   1.00 17.22  ? 6  DA  B C6    1 
ATOM   89  N N6    . DA  B 1 1 ? -9.597  -4.367  5.784   1.00 15.57  ? 6  DA  B N6    1 
ATOM   90  N N1    . DA  B 1 1 ? -9.678  -6.557  6.498   1.00 19.50  ? 6  DA  B N1    1 
ATOM   91  C C2    . DA  B 1 1 ? -9.690  -7.865  6.205   1.00 21.12  ? 6  DA  B C2    1 
ATOM   92  N N3    . DA  B 1 1 ? -9.670  -8.461  5.015   1.00 25.62  ? 6  DA  B N3    1 
ATOM   93  C C4    . DA  B 1 1 ? -9.646  -7.546  4.024   1.00 27.40  ? 6  DA  B C4    1 
ATOM   94  P P     . DC  B 1 2 ? -9.920  -9.029  -2.795  1.00 57.67  ? 7  DC  B P     1 
ATOM   95  O OP1   . DC  B 1 2 ? -11.364 -8.783  -2.523  1.00 59.42  ? 7  DC  B OP1   1 
ATOM   96  O OP2   . DC  B 1 2 ? -9.519  -9.813  -3.997  1.00 60.36  ? 7  DC  B OP2   1 
ATOM   97  O "O5'" . DC  B 1 2 ? -9.184  -7.615  -2.841  1.00 51.64  ? 7  DC  B "O5'" 1 
ATOM   98  C "C5'" . DC  B 1 2 ? -7.792  -7.512  -3.149  1.00 37.90  ? 7  DC  B "C5'" 1 
ATOM   99  C "C4'" . DC  B 1 2 ? -7.475  -6.112  -3.614  1.00 30.80  ? 7  DC  B "C4'" 1 
ATOM   100 O "O4'" . DC  B 1 2 ? -7.828  -5.179  -2.568  1.00 27.51  ? 7  DC  B "O4'" 1 
ATOM   101 C "C3'" . DC  B 1 2 ? -6.010  -5.836  -3.947  1.00 27.06  ? 7  DC  B "C3'" 1 
ATOM   102 O "O3'" . DC  B 1 2 ? -5.949  -4.949  -5.067  1.00 28.70  ? 7  DC  B "O3'" 1 
ATOM   103 C "C2'" . DC  B 1 2 ? -5.500  -5.141  -2.699  1.00 21.78  ? 7  DC  B "C2'" 1 
ATOM   104 C "C1'" . DC  B 1 2 ? -6.720  -4.349  -2.274  1.00 18.20  ? 7  DC  B "C1'" 1 
ATOM   105 N N1    . DC  B 1 2 ? -6.778  -4.018  -0.845  1.00 15.27  ? 7  DC  B N1    1 
ATOM   106 C C2    . DC  B 1 2 ? -6.986  -2.692  -0.475  1.00 11.38  ? 7  DC  B C2    1 
ATOM   107 O O2    . DC  B 1 2 ? -7.130  -1.842  -1.364  1.00 16.05  ? 7  DC  B O2    1 
ATOM   108 N N3    . DC  B 1 2 ? -7.027  -2.369  0.835   1.00 13.56  ? 7  DC  B N3    1 
ATOM   109 C C4    . DC  B 1 2 ? -6.865  -3.315  1.760   1.00 11.25  ? 7  DC  B C4    1 
ATOM   110 N N4    . DC  B 1 2 ? -6.891  -2.947  3.045   1.00 16.67  ? 7  DC  B N4    1 
ATOM   111 C C5    . DC  B 1 2 ? -6.664  -4.678  1.412   1.00 10.87  ? 7  DC  B C5    1 
ATOM   112 C C6    . DC  B 1 2 ? -6.628  -4.984  0.110   1.00 12.58  ? 7  DC  B C6    1 
ATOM   113 P P     . DC  B 1 3 ? -4.912  -5.238  -6.257  1.00 26.09  ? 8  DC  B P     1 
ATOM   114 O OP1   . DC  B 1 3 ? -4.853  -4.039  -7.133  1.00 29.97  ? 8  DC  B OP1   1 
ATOM   115 O OP2   . DC  B 1 3 ? -5.256  -6.555  -6.845  1.00 32.25  ? 8  DC  B OP2   1 
ATOM   116 O "O5'" . DC  B 1 3 ? -3.523  -5.400  -5.494  1.00 30.69  ? 8  DC  B "O5'" 1 
ATOM   117 C "C5'" . DC  B 1 3 ? -2.297  -4.999  -6.100  1.00 23.69  ? 8  DC  B "C5'" 1 
ATOM   118 C "C4'" . DC  B 1 3 ? -2.051  -3.530  -5.851  1.00 20.87  ? 8  DC  B "C4'" 1 
ATOM   119 O "O4'" . DC  B 1 3 ? -2.189  -3.244  -4.442  1.00 20.34  ? 8  DC  B "O4'" 1 
ATOM   120 C "C3'" . DC  B 1 3 ? -0.651  -3.056  -6.244  1.00 21.37  ? 8  DC  B "C3'" 1 
ATOM   121 O "O3'" . DC  B 1 3 ? -0.765  -1.853  -6.993  1.00 24.16  ? 8  DC  B "O3'" 1 
ATOM   122 C "C2'" . DC  B 1 3 ? 0.033   -2.790  -4.914  1.00 20.21  ? 8  DC  B "C2'" 1 
ATOM   123 C "C1'" . DC  B 1 3 ? -1.138  -2.394  -4.044  1.00 17.01  ? 8  DC  B "C1'" 1 
ATOM   124 N N1    . DC  B 1 3 ? -0.933  -2.579  -2.599  1.00 13.22  ? 8  DC  B N1    1 
ATOM   125 C C2    . DC  B 1 3 ? -1.020  -1.464  -1.764  1.00 10.17  ? 8  DC  B C2    1 
ATOM   126 O O2    . DC  B 1 3 ? -1.249  -0.353  -2.269  1.00 14.95  ? 8  DC  B O2    1 
ATOM   127 N N3    . DC  B 1 3 ? -0.854  -1.618  -0.432  1.00 9.19   ? 8  DC  B N3    1 
ATOM   128 C C4    . DC  B 1 3 ? -0.595  -2.827  0.069   1.00 9.27   ? 8  DC  B C4    1 
ATOM   129 N N4    . DC  B 1 3 ? -0.427  -2.932  1.391   1.00 15.08  ? 8  DC  B N4    1 
ATOM   130 C C5    . DC  B 1 3 ? -0.493  -3.981  -0.759  1.00 10.71  ? 8  DC  B C5    1 
ATOM   131 C C6    . DC  B 1 3 ? -0.668  -3.812  -2.078  1.00 11.55  ? 8  DC  B C6    1 
ATOM   132 P P     . DC  B 1 4 ? 0.325   -1.514  -8.113  1.00 24.21  ? 9  DC  B P     1 
ATOM   133 O OP1   . DC  B 1 4 ? -0.156  -0.342  -8.888  1.00 24.04  ? 9  DC  B OP1   1 
ATOM   134 O OP2   . DC  B 1 4 ? 0.645   -2.784  -8.816  1.00 25.20  ? 9  DC  B OP2   1 
ATOM   135 O "O5'" . DC  B 1 4 ? 1.592   -1.070  -7.256  1.00 28.24  ? 9  DC  B "O5'" 1 
ATOM   136 C "C5'" . DC  B 1 4 ? 2.908   -1.166  -7.782  1.00 22.43  ? 9  DC  B "C5'" 1 
ATOM   137 C "C4'" . DC  B 1 4 ? 3.822   -0.211  -7.050  1.00 19.19  ? 9  DC  B "C4'" 1 
ATOM   138 O "O4'" . DC  B 1 4 ? 3.690   -0.414  -5.634  1.00 18.24  ? 9  DC  B "O4'" 1 
ATOM   139 C "C3'" . DC  B 1 4 ? 5.308   -0.411  -7.336  1.00 19.90  ? 9  DC  B "C3'" 1 
ATOM   140 O "O3'" . DC  B 1 4 ? 5.731   0.482   -8.371  1.00 21.57  ? 9  DC  B "O3'" 1 
ATOM   141 C "C2'" . DC  B 1 4 ? 5.982   -0.062  -6.013  1.00 16.87  ? 9  DC  B "C2'" 1 
ATOM   142 C "C1'" . DC  B 1 4 ? 4.834   0.143   -5.026  1.00 16.29  ? 9  DC  B "C1'" 1 
ATOM   143 N N1    . DC  B 1 4 ? 5.031   -0.521  -3.728  1.00 13.93  ? 9  DC  B N1    1 
ATOM   144 C C2    . DC  B 1 4 ? 4.929   0.238   -2.564  1.00 10.26  ? 9  DC  B C2    1 
ATOM   145 O O2    . DC  B 1 4 ? 4.636   1.437   -2.654  1.00 18.89  ? 9  DC  B O2    1 
ATOM   146 N N3    . DC  B 1 4 ? 5.155   -0.349  -1.369  1.00 11.02  ? 9  DC  B N3    1 
ATOM   147 C C4    . DC  B 1 4 ? 5.465   -1.643  -1.311  1.00 10.46  ? 9  DC  B C4    1 
ATOM   148 N N4    . DC  B 1 4 ? 5.705   -2.175  -0.111  1.00 14.36  ? 9  DC  B N4    1 
ATOM   149 C C5    . DC  B 1 4 ? 5.551   -2.449  -2.482  1.00 12.69  ? 9  DC  B C5    1 
ATOM   150 C C6    . DC  B 1 4 ? 5.325   -1.852  -3.660  1.00 14.63  ? 9  DC  B C6    1 
ATOM   151 P P     . DT  B 1 5 ? 6.125   -0.100  -9.815  1.00 20.02  ? 10 DT  B P     1 
ATOM   152 O OP1   . DT  B 1 5 ? 6.419   1.075   -10.674 1.00 25.14  ? 10 DT  B OP1   1 
ATOM   153 O OP2   . DT  B 1 5 ? 5.095   -1.079  -10.240 1.00 24.66  ? 10 DT  B OP2   1 
ATOM   154 O "O5'" . DT  B 1 5 ? 7.478   -0.897  -9.549  1.00 21.30  ? 10 DT  B "O5'" 1 
ATOM   155 C "C5'" . DT  B 1 5 ? 8.073   -1.699  -10.567 1.00 16.44  ? 10 DT  B "C5'" 1 
ATOM   156 C "C4'" . DT  B 1 5 ? 9.166   -2.556  -9.977  1.00 12.56  ? 10 DT  B "C4'" 1 
ATOM   157 O "O4'" . DT  B 1 5 ? 10.065  -1.717  -9.216  1.00 13.10  ? 10 DT  B "O4'" 1 
ATOM   158 C "C3'" . DT  B 1 5 ? 8.670   -3.625  -9.009  1.00 6.96   ? 10 DT  B "C3'" 1 
ATOM   159 O "O3'" . DT  B 1 5 ? 9.488   -4.776  -9.097  1.00 14.45  ? 10 DT  B "O3'" 1 
ATOM   160 C "C2'" . DT  B 1 5 ? 8.853   -2.978  -7.652  1.00 11.89  ? 10 DT  B "C2'" 1 
ATOM   161 C "C1'" . DT  B 1 5 ? 10.081  -2.109  -7.855  1.00 10.93  ? 10 DT  B "C1'" 1 
ATOM   162 N N1    . DT  B 1 5 ? 10.068  -0.883  -7.038  1.00 11.32  ? 10 DT  B N1    1 
ATOM   163 C C2    . DT  B 1 5 ? 10.673  -0.922  -5.808  1.00 8.03   ? 10 DT  B C2    1 
ATOM   164 O O2    . DT  B 1 5 ? 11.246  -1.908  -5.381  1.00 14.05  ? 10 DT  B O2    1 
ATOM   165 N N3    . DT  B 1 5 ? 10.581  0.243   -5.090  1.00 9.12   ? 10 DT  B N3    1 
ATOM   166 C C4    . DT  B 1 5 ? 9.968   1.420   -5.478  1.00 12.13  ? 10 DT  B C4    1 
ATOM   167 O O4    . DT  B 1 5 ? 9.959   2.388   -4.716  1.00 19.35  ? 10 DT  B O4    1 
ATOM   168 C C5    . DT  B 1 5 ? 9.370   1.398   -6.789  1.00 9.43   ? 10 DT  B C5    1 
ATOM   169 C C7    . DT  B 1 5 ? 8.697   2.632   -7.297  1.00 9.61   ? 10 DT  B C7    1 
ATOM   170 C C6    . DT  B 1 5 ? 9.450   0.263   -7.495  1.00 11.76  ? 10 DT  B C6    1 
ATOM   171 O "O5'" . DA  C 1 1 ? 12.848  5.781   -1.967  1.00 19.61  ? 11 DA  C "O5'" 1 
ATOM   172 C "C5'" . DA  C 1 1 ? 12.681  7.160   -2.317  1.00 15.82  ? 11 DA  C "C5'" 1 
ATOM   173 C "C4'" . DA  C 1 1 ? 11.974  7.341   -3.640  1.00 19.15  ? 11 DA  C "C4'" 1 
ATOM   174 O "O4'" . DA  C 1 1 ? 12.587  6.477   -4.625  1.00 22.34  ? 11 DA  C "O4'" 1 
ATOM   175 C "C3'" . DA  C 1 1 ? 10.483  6.988   -3.635  1.00 19.66  ? 11 DA  C "C3'" 1 
ATOM   176 O "O3'" . DA  C 1 1 ? 9.754   7.933   -4.428  1.00 25.80  ? 11 DA  C "O3'" 1 
ATOM   177 C "C2'" . DA  C 1 1 ? 10.442  5.625   -4.301  1.00 18.51  ? 11 DA  C "C2'" 1 
ATOM   178 C "C1'" . DA  C 1 1 ? 11.584  5.736   -5.296  1.00 16.13  ? 11 DA  C "C1'" 1 
ATOM   179 N N9    . DA  C 1 1 ? 12.154  4.447   -5.687  1.00 11.61  ? 11 DA  C N9    1 
ATOM   180 C C8    . DA  C 1 1 ? 12.062  3.832   -6.909  1.00 11.91  ? 11 DA  C C8    1 
ATOM   181 N N7    . DA  C 1 1 ? 12.620  2.645   -6.945  1.00 13.74  ? 11 DA  C N7    1 
ATOM   182 C C5    . DA  C 1 1 ? 13.123  2.474   -5.663  1.00 5.68   ? 11 DA  C C5    1 
ATOM   183 C C6    . DA  C 1 1 ? 13.833  1.424   -5.060  1.00 7.35   ? 11 DA  C C6    1 
ATOM   184 N N6    . DA  C 1 1 ? 14.123  0.271   -5.674  1.00 10.48  ? 11 DA  C N6    1 
ATOM   185 N N1    . DA  C 1 1 ? 14.237  1.594   -3.781  1.00 10.49  ? 11 DA  C N1    1 
ATOM   186 C C2    . DA  C 1 1 ? 13.929  2.735   -3.159  1.00 9.02   ? 11 DA  C C2    1 
ATOM   187 N N3    . DA  C 1 1 ? 13.248  3.785   -3.613  1.00 11.92  ? 11 DA  C N3    1 
ATOM   188 C C4    . DA  C 1 1 ? 12.865  3.587   -4.886  1.00 8.59   ? 11 DA  C C4    1 
ATOM   189 P P     . DC  C 1 2 ? 8.322   8.468   -3.926  1.00 27.18  ? 12 DC  C P     1 
ATOM   190 O OP1   . DC  C 1 2 ? 7.992   9.679   -4.718  1.00 25.45  ? 12 DC  C OP1   1 
ATOM   191 O OP2   . DC  C 1 2 ? 8.359   8.545   -2.445  1.00 24.21  ? 12 DC  C OP2   1 
ATOM   192 O "O5'" . DC  C 1 2 ? 7.307   7.311   -4.343  1.00 26.55  ? 12 DC  C "O5'" 1 
ATOM   193 C "C5'" . DC  C 1 2 ? 7.065   7.013   -5.718  1.00 24.94  ? 12 DC  C "C5'" 1 
ATOM   194 C "C4'" . DC  C 1 2 ? 6.432   5.648   -5.854  1.00 22.18  ? 12 DC  C "C4'" 1 
ATOM   195 O "O4'" . DC  C 1 2 ? 7.309   4.656   -5.285  1.00 21.10  ? 12 DC  C "O4'" 1 
ATOM   196 C "C3'" . DC  C 1 2 ? 5.113   5.489   -5.109  1.00 24.99  ? 12 DC  C "C3'" 1 
ATOM   197 O "O3'" . DC  C 1 2 ? 4.034   5.863   -5.971  1.00 29.41  ? 12 DC  C "O3'" 1 
ATOM   198 C "C2'" . DC  C 1 2 ? 5.083   4.002   -4.807  1.00 19.90  ? 12 DC  C "C2'" 1 
ATOM   199 C "C1'" . DC  C 1 2 ? 6.556   3.660   -4.608  1.00 19.31  ? 12 DC  C "C1'" 1 
ATOM   200 N N1    . DC  C 1 2 ? 6.998   3.642   -3.204  1.00 16.18  ? 12 DC  C N1    1 
ATOM   201 C C2    . DC  C 1 2 ? 7.403   2.428   -2.642  1.00 15.71  ? 12 DC  C C2    1 
ATOM   202 O O2    . DC  C 1 2 ? 7.400   1.414   -3.351  1.00 15.56  ? 12 DC  C O2    1 
ATOM   203 N N3    . DC  C 1 2 ? 7.784   2.391   -1.343  1.00 15.43  ? 12 DC  C N3    1 
ATOM   204 C C4    . DC  C 1 2 ? 7.770   3.508   -0.615  1.00 14.29  ? 12 DC  C C4    1 
ATOM   205 N N4    . DC  C 1 2 ? 8.123   3.420   0.669   1.00 16.37  ? 12 DC  C N4    1 
ATOM   206 C C5    . DC  C 1 2 ? 7.385   4.765   -1.169  1.00 14.04  ? 12 DC  C C5    1 
ATOM   207 C C6    . DC  C 1 2 ? 7.009   4.785   -2.455  1.00 13.04  ? 12 DC  C C6    1 
ATOM   208 P P     . DC  C 1 3 ? 2.589   6.196   -5.352  1.00 26.05  ? 13 DC  C P     1 
ATOM   209 O OP1   . DC  C 1 3 ? 1.940   7.164   -6.268  1.00 31.59  ? 13 DC  C OP1   1 
ATOM   210 O OP2   . DC  C 1 3 ? 2.758   6.540   -3.920  1.00 28.53  ? 13 DC  C OP2   1 
ATOM   211 O "O5'" . DC  C 1 3 ? 1.813   4.812   -5.454  1.00 25.46  ? 13 DC  C "O5'" 1 
ATOM   212 C "C5'" . DC  C 1 3 ? 1.841   4.051   -6.659  1.00 18.76  ? 13 DC  C "C5'" 1 
ATOM   213 C "C4'" . DC  C 1 3 ? 1.253   2.681   -6.423  1.00 18.95  ? 13 DC  C "C4'" 1 
ATOM   214 O "O4'" . DC  C 1 3 ? 2.040   1.990   -5.430  1.00 18.96  ? 13 DC  C "O4'" 1 
ATOM   215 C "C3'" . DC  C 1 3 ? -0.166  2.691   -5.865  1.00 18.58  ? 13 DC  C "C3'" 1 
ATOM   216 O "O3'" . DC  C 1 3 ? -1.113  2.716   -6.943  1.00 25.97  ? 13 DC  C "O3'" 1 
ATOM   217 C "C2'" . DC  C 1 3 ? -0.230  1.371   -5.123  1.00 16.99  ? 13 DC  C "C2'" 1 
ATOM   218 C "C1'" . DC  C 1 3 ? 1.199   1.173   -4.624  1.00 16.38  ? 13 DC  C "C1'" 1 
ATOM   219 N N1    . DC  C 1 3 ? 1.402   1.562   -3.218  1.00 15.35  ? 13 DC  C N1    1 
ATOM   220 C C2    . DC  C 1 3 ? 1.687   0.565   -2.275  1.00 16.07  ? 13 DC  C C2    1 
ATOM   221 O O2    . DC  C 1 3 ? 1.806   -0.612  -2.662  1.00 16.81  ? 13 DC  C O2    1 
ATOM   222 N N3    . DC  C 1 3 ? 1.833   0.909   -0.972  1.00 16.38  ? 13 DC  C N3    1 
ATOM   223 C C4    . DC  C 1 3 ? 1.714   2.188   -0.603  1.00 13.15  ? 13 DC  C C4    1 
ATOM   224 N N4    . DC  C 1 3 ? 1.847   2.478   0.693   1.00 13.64  ? 13 DC  C N4    1 
ATOM   225 C C5    . DC  C 1 3 ? 1.450   3.225   -1.545  1.00 10.92  ? 13 DC  C C5    1 
ATOM   226 C C6    . DC  C 1 3 ? 1.302   2.870   -2.830  1.00 13.47  ? 13 DC  C C6    1 
ATOM   227 P P     . DC  C 1 4 ? -2.633  3.175   -6.670  1.00 26.83  ? 14 DC  C P     1 
ATOM   228 O OP1   . DC  C 1 4 ? -3.202  3.671   -7.945  1.00 29.32  ? 14 DC  C OP1   1 
ATOM   229 O OP2   . DC  C 1 4 ? -2.654  4.053   -5.472  1.00 27.31  ? 14 DC  C OP2   1 
ATOM   230 O "O5'" . DC  C 1 4 ? -3.374  1.818   -6.292  1.00 27.16  ? 14 DC  C "O5'" 1 
ATOM   231 C "C5'" . DC  C 1 4 ? -3.310  0.678   -7.145  1.00 16.21  ? 14 DC  C "C5'" 1 
ATOM   232 C "C4'" . DC  C 1 4 ? -4.099  -0.461  -6.540  1.00 16.65  ? 14 DC  C "C4'" 1 
ATOM   233 O "O4'" . DC  C 1 4 ? -3.562  -0.744  -5.235  1.00 19.36  ? 14 DC  C "O4'" 1 
ATOM   234 C "C3'" . DC  C 1 4 ? -5.571  -0.147  -6.302  1.00 20.21  ? 14 DC  C "C3'" 1 
ATOM   235 O "O3'" . DC  C 1 4 ? -6.332  -0.530  -7.451  1.00 24.60  ? 14 DC  C "O3'" 1 
ATOM   236 C "C2'" . DC  C 1 4 ? -5.920  -1.021  -5.111  1.00 17.18  ? 14 DC  C "C2'" 1 
ATOM   237 C "C1'" . DC  C 1 4 ? -4.598  -1.185  -4.367  1.00 17.51  ? 14 DC  C "C1'" 1 
ATOM   238 N N1    . DC  C 1 4 ? -4.506  -0.404  -3.130  1.00 14.79  ? 14 DC  C N1    1 
ATOM   239 C C2    . DC  C 1 4 ? -4.297  -1.080  -1.936  1.00 15.52  ? 14 DC  C C2    1 
ATOM   240 O O2    . DC  C 1 4 ? -4.168  -2.311  -1.965  1.00 18.20  ? 14 DC  C O2    1 
ATOM   241 N N3    . DC  C 1 4 ? -4.235  -0.381  -0.778  1.00 15.51  ? 14 DC  C N3    1 
ATOM   242 C C4    . DC  C 1 4 ? -4.370  0.945   -0.795  1.00 10.01  ? 14 DC  C C4    1 
ATOM   243 N N4    . DC  C 1 4 ? -4.322  1.588   0.372   1.00 10.60  ? 14 DC  C N4    1 
ATOM   244 C C5    . DC  C 1 4 ? -4.566  1.667   -2.008  1.00 10.58  ? 14 DC  C C5    1 
ATOM   245 C C6    . DC  C 1 4 ? -4.629  0.958   -3.143  1.00 13.47  ? 14 DC  C C6    1 
ATOM   246 P P     . DT  C 1 5 ? -7.906  -0.198  -7.525  1.00 21.05  ? 15 DT  C P     1 
ATOM   247 O OP1   . DT  C 1 5 ? -8.341  -0.457  -8.917  1.00 31.34  ? 15 DT  C OP1   1 
ATOM   248 O OP2   . DT  C 1 5 ? -8.140  1.139   -6.927  1.00 23.57  ? 15 DT  C OP2   1 
ATOM   249 O "O5'" . DT  C 1 5 ? -8.560  -1.313  -6.596  1.00 22.73  ? 15 DT  C "O5'" 1 
ATOM   250 C "C5'" . DT  C 1 5 ? -8.473  -2.693  -6.943  1.00 18.62  ? 15 DT  C "C5'" 1 
ATOM   251 C "C4'" . DT  C 1 5 ? -9.103  -3.542  -5.863  1.00 20.77  ? 15 DT  C "C4'" 1 
ATOM   252 O "O4'" . DT  C 1 5 ? -8.660  -3.082  -4.569  1.00 19.81  ? 15 DT  C "O4'" 1 
ATOM   253 C "C3'" . DT  C 1 5 ? -10.624 -3.478  -5.789  1.00 20.95  ? 15 DT  C "C3'" 1 
ATOM   254 O "O3'" . DT  C 1 5 ? -11.244 -4.405  -6.680  1.00 27.66  ? 15 DT  C "O3'" 1 
ATOM   255 C "C2'" . DT  C 1 5 ? -10.885 -3.879  -4.351  1.00 18.30  ? 15 DT  C "C2'" 1 
ATOM   256 C "C1'" . DT  C 1 5 ? -9.701  -3.261  -3.611  1.00 16.79  ? 15 DT  C "C1'" 1 
ATOM   257 N N1    . DT  C 1 5 ? -9.999  -1.944  -3.023  1.00 13.64  ? 15 DT  C N1    1 
ATOM   258 C C2    . DT  C 1 5 ? -10.230 -1.868  -1.672  1.00 15.55  ? 15 DT  C C2    1 
ATOM   259 O O2    . DT  C 1 5 ? -10.176 -2.836  -0.926  1.00 15.77  ? 15 DT  C O2    1 
ATOM   260 N N3    . DT  C 1 5 ? -10.524 -0.608  -1.218  1.00 13.45  ? 15 DT  C N3    1 
ATOM   261 C C4    . DT  C 1 5 ? -10.599 0.553   -1.962  1.00 13.17  ? 15 DT  C C4    1 
ATOM   262 O O4    . DT  C 1 5 ? -10.888 1.611   -1.416  1.00 19.96  ? 15 DT  C O4    1 
ATOM   263 C C5    . DT  C 1 5 ? -10.328 0.401   -3.367  1.00 13.06  ? 15 DT  C C5    1 
ATOM   264 C C7    . DT  C 1 5 ? -10.369 1.609   -4.250  1.00 10.76  ? 15 DT  C C7    1 
ATOM   265 C C6    . DT  C 1 5 ? -10.048 -0.823  -3.823  1.00 13.51  ? 15 DT  C C6    1 
ATOM   266 O "O5'" . DA  D 1 1 ? 13.835  -3.678  -0.753  1.00 38.03  ? 16 DA  D "O5'" 1 
ATOM   267 C "C5'" . DA  D 1 1 ? 14.960  -3.971  0.069   1.00 36.86  ? 16 DA  D "C5'" 1 
ATOM   268 C "C4'" . DA  D 1 1 ? 14.734  -3.527  1.496   1.00 39.66  ? 16 DA  D "C4'" 1 
ATOM   269 O "O4'" . DA  D 1 1 ? 14.552  -2.091  1.521   1.00 37.91  ? 16 DA  D "O4'" 1 
ATOM   270 C "C3'" . DA  D 1 1 ? 13.479  -4.109  2.147   1.00 40.42  ? 16 DA  D "C3'" 1 
ATOM   271 O "O3'" . DA  D 1 1 ? 13.684  -4.223  3.563   1.00 47.01  ? 16 DA  D "O3'" 1 
ATOM   272 C "C2'" . DA  D 1 1 ? 12.436  -3.049  1.856   1.00 35.72  ? 16 DA  D "C2'" 1 
ATOM   273 C "C1'" . DA  D 1 1 ? 13.261  -1.784  2.026   1.00 31.35  ? 16 DA  D "C1'" 1 
ATOM   274 N N9    . DA  D 1 1 ? 12.750  -0.629  1.294   1.00 21.42  ? 16 DA  D N9    1 
ATOM   275 C C8    . DA  D 1 1 ? 12.364  0.570   1.827   1.00 17.29  ? 16 DA  D C8    1 
ATOM   276 N N7    . DA  D 1 1 ? 11.915  1.423   0.943   1.00 18.94  ? 16 DA  D N7    1 
ATOM   277 C C5    . DA  D 1 1 ? 12.015  0.740   -0.261  1.00 16.37  ? 16 DA  D C5    1 
ATOM   278 C C6    . DA  D 1 1 ? 11.543  1.040   -1.546  1.00 12.46  ? 16 DA  D C6    1 
ATOM   279 N N6    . DA  D 1 1 ? 11.005  2.220   -1.882  1.00 14.36  ? 16 DA  D N6    1 
ATOM   280 N N1    . DA  D 1 1 ? 11.641  0.078   -2.489  1.00 12.13  ? 16 DA  D N1    1 
ATOM   281 C C2    . DA  D 1 1 ? 12.183  -1.099  -2.152  1.00 9.66   ? 16 DA  D C2    1 
ATOM   282 N N3    . DA  D 1 1 ? 12.660  -1.499  -0.979  1.00 15.21  ? 16 DA  D N3    1 
ATOM   283 C C4    . DA  D 1 1 ? 12.542  -0.524  -0.061  1.00 16.40  ? 16 DA  D C4    1 
ATOM   284 P P     . DC  D 1 2 ? 12.562  -4.921  4.485   1.00 48.22  ? 17 DC  D P     1 
ATOM   285 O OP1   . DC  D 1 2 ? 13.161  -5.128  5.833   1.00 48.70  ? 17 DC  D OP1   1 
ATOM   286 O OP2   . DC  D 1 2 ? 12.013  -6.084  3.732   1.00 50.14  ? 17 DC  D OP2   1 
ATOM   287 O "O5'" . DC  D 1 2 ? 11.410  -3.824  4.607   1.00 47.28  ? 17 DC  D "O5'" 1 
ATOM   288 C "C5'" . DC  D 1 2 ? 11.673  -2.550  5.193   1.00 38.30  ? 17 DC  D "C5'" 1 
ATOM   289 C "C4'" . DC  D 1 2 ? 10.483  -1.636  5.019   1.00 32.77  ? 17 DC  D "C4'" 1 
ATOM   290 O "O4'" . DC  D 1 2 ? 10.397  -1.184  3.650   1.00 31.77  ? 17 DC  D "O4'" 1 
ATOM   291 C "C3'" . DC  D 1 2 ? 9.129   -2.270  5.344   1.00 34.28  ? 17 DC  D "C3'" 1 
ATOM   292 O "O3'" . DC  D 1 2 ? 8.446   -1.453  6.305   1.00 39.39  ? 17 DC  D "O3'" 1 
ATOM   293 C "C2'" . DC  D 1 2 ? 8.396   -2.285  4.008   1.00 27.25  ? 17 DC  D "C2'" 1 
ATOM   294 C "C1'" . DC  D 1 2 ? 9.031   -1.114  3.293   1.00 26.20  ? 17 DC  D "C1'" 1 
ATOM   295 N N1    . DC  D 1 2 ? 8.941   -1.133  1.825   1.00 18.26  ? 17 DC  D N1    1 
ATOM   296 C C2    . DC  D 1 2 ? 8.654   0.060   1.156   1.00 15.16  ? 17 DC  D C2    1 
ATOM   297 O O2    . DC  D 1 2 ? 8.481   1.091   1.818   1.00 16.05  ? 17 DC  D O2    1 
ATOM   298 N N3    . DC  D 1 2 ? 8.575   0.062   -0.193  1.00 13.14  ? 17 DC  D N3    1 
ATOM   299 C C4    . DC  D 1 2 ? 8.776   -1.065  -0.873  1.00 13.37  ? 17 DC  D C4    1 
ATOM   300 N N4    . DC  D 1 2 ? 8.701   -1.014  -2.206  1.00 14.40  ? 17 DC  D N4    1 
ATOM   301 C C5    . DC  D 1 2 ? 9.065   -2.297  -0.218  1.00 15.36  ? 17 DC  D C5    1 
ATOM   302 C C6    . DC  D 1 2 ? 9.135   -2.286  1.121   1.00 17.26  ? 17 DC  D C6    1 
ATOM   303 P P     . DC  D 1 3 ? 7.309   -2.101  7.242   1.00 42.51  ? 18 DC  D P     1 
ATOM   304 O OP1   . DC  D 1 3 ? 6.761   -1.011  8.096   1.00 42.54  ? 18 DC  D OP1   1 
ATOM   305 O OP2   . DC  D 1 3 ? 7.865   -3.327  7.877   1.00 41.89  ? 18 DC  D OP2   1 
ATOM   306 O "O5'" . DC  D 1 3 ? 6.193   -2.575  6.205   1.00 42.21  ? 18 DC  D "O5'" 1 
ATOM   307 C "C5'" . DC  D 1 3 ? 4.875   -2.906  6.632   1.00 30.24  ? 18 DC  D "C5'" 1 
ATOM   308 C "C4'" . DC  D 1 3 ? 3.901   -1.850  6.166   1.00 26.85  ? 18 DC  D "C4'" 1 
ATOM   309 O "O4'" . DC  D 1 3 ? 3.977   -1.705  4.734   1.00 26.65  ? 18 DC  D "O4'" 1 
ATOM   310 C "C3'" . DC  D 1 3 ? 2.433   -2.129  6.490   1.00 27.55  ? 18 DC  D "C3'" 1 
ATOM   311 O "O3'" . DC  D 1 3 ? 1.920   -1.028  7.232   1.00 32.25  ? 18 DC  D "O3'" 1 
ATOM   312 C "C2'" . DC  D 1 3 ? 1.752   -2.207  5.132   1.00 23.77  ? 18 DC  D "C2'" 1 
ATOM   313 C "C1'" . DC  D 1 3 ? 2.684   -1.407  4.248   1.00 21.21  ? 18 DC  D "C1'" 1 
ATOM   314 N N1    . DC  D 1 3 ? 2.650   -1.768  2.819   1.00 14.25  ? 18 DC  D N1    1 
ATOM   315 C C2    . DC  D 1 3 ? 2.406   -0.772  1.881   1.00 11.27  ? 18 DC  D C2    1 
ATOM   316 O O2    . DC  D 1 3 ? 2.246   0.393   2.273   1.00 14.60  ? 18 DC  D O2    1 
ATOM   317 N N3    . DC  D 1 3 ? 2.357   -1.093  0.572   1.00 11.34  ? 18 DC  D N3    1 
ATOM   318 C C4    . DC  D 1 3 ? 2.544   -2.354  0.191   1.00 9.73   ? 18 DC  D C4    1 
ATOM   319 N N4    . DC  D 1 3 ? 2.471   -2.626  -1.115  1.00 12.42  ? 18 DC  D N4    1 
ATOM   320 C C5    . DC  D 1 3 ? 2.808   -3.391  1.124   1.00 9.48   ? 18 DC  D C5    1 
ATOM   321 C C6    . DC  D 1 3 ? 2.852   -3.059  2.417   1.00 11.19  ? 18 DC  D C6    1 
ATOM   322 P P     . DC  D 1 4 ? 0.787   -1.276  8.335   1.00 33.90  ? 19 DC  D P     1 
ATOM   323 O OP1   . DC  D 1 4 ? 0.558   0.021   9.026   1.00 34.98  ? 19 DC  D OP1   1 
ATOM   324 O OP2   . DC  D 1 4 ? 1.148   -2.484  9.123   1.00 35.82  ? 19 DC  D OP2   1 
ATOM   325 O "O5'" . DC  D 1 4 ? -0.503  -1.641  7.480   1.00 33.56  ? 19 DC  D "O5'" 1 
ATOM   326 C "C5'" . DC  D 1 4 ? -1.808  -1.442  8.007   1.00 24.17  ? 19 DC  D "C5'" 1 
ATOM   327 C "C4'" . DC  D 1 4 ? -2.573  -0.487  7.127   1.00 17.22  ? 19 DC  D "C4'" 1 
ATOM   328 O "O4'" . DC  D 1 4 ? -2.388  -0.880  5.750   1.00 14.89  ? 19 DC  D "O4'" 1 
ATOM   329 C "C3'" . DC  D 1 4 ? -4.084  -0.471  7.366   1.00 17.02  ? 19 DC  D "C3'" 1 
ATOM   330 O "O3'" . DC  D 1 4 ? -4.529  0.882   7.470   1.00 19.63  ? 19 DC  D "O3'" 1 
ATOM   331 C "C2'" . DC  D 1 4 ? -4.651  -1.106  6.105   1.00 15.98  ? 19 DC  D "C2'" 1 
ATOM   332 C "C1'" . DC  D 1 4 ? -3.613  -0.726  5.077   1.00 15.29  ? 19 DC  D "C1'" 1 
ATOM   333 N N1    . DC  D 1 4 ? -3.582  -1.569  3.872   1.00 13.13  ? 19 DC  D N1    1 
ATOM   334 C C2    . DC  D 1 4 ? -3.802  -0.967  2.631   1.00 11.73  ? 19 DC  D C2    1 
ATOM   335 O O2    . DC  D 1 4 ? -3.996  0.257   2.586   1.00 14.17  ? 19 DC  D O2    1 
ATOM   336 N N3    . DC  D 1 4 ? -3.792  -1.730  1.514   1.00 12.17  ? 19 DC  D N3    1 
ATOM   337 C C4    . DC  D 1 4 ? -3.565  -3.044  1.606   1.00 10.86  ? 19 DC  D C4    1 
ATOM   338 N N4    . DC  D 1 4 ? -3.563  -3.758  0.478   1.00 13.63  ? 19 DC  D N4    1 
ATOM   339 C C5    . DC  D 1 4 ? -3.330  -3.681  2.858   1.00 10.52  ? 19 DC  D C5    1 
ATOM   340 C C6    . DC  D 1 4 ? -3.348  -2.914  3.956   1.00 13.60  ? 19 DC  D C6    1 
ATOM   341 P P     . DT  D 1 5 ? -5.244  1.393   8.811   1.00 15.41  ? 20 DT  D P     1 
ATOM   342 O OP1   . DT  D 1 5 ? -4.797  2.786   9.059   1.00 18.34  ? 20 DT  D OP1   1 
ATOM   343 O OP2   . DT  D 1 5 ? -5.051  0.368   9.858   1.00 20.54  ? 20 DT  D OP2   1 
ATOM   344 O "O5'" . DT  D 1 5 ? -6.785  1.443   8.418   1.00 18.81  ? 20 DT  D "O5'" 1 
ATOM   345 C "C5'" . DT  D 1 5 ? -7.560  0.255   8.298   1.00 14.06  ? 20 DT  D "C5'" 1 
ATOM   346 C "C4'" . DT  D 1 5 ? -9.019  0.563   8.541   1.00 13.42  ? 20 DT  D "C4'" 1 
ATOM   347 O "O4'" . DT  D 1 5 ? -9.209  0.842   9.947   1.00 12.89  ? 20 DT  D "O4'" 1 
ATOM   348 C "C3'" . DT  D 1 5 ? -9.542  1.789   7.791   1.00 13.95  ? 20 DT  D "C3'" 1 
ATOM   349 O "O3'" . DT  D 1 5 ? -10.832 1.509   7.263   1.00 16.43  ? 20 DT  D "O3'" 1 
ATOM   350 C "C2'" . DT  D 1 5 ? -9.627  2.861   8.862   1.00 13.32  ? 20 DT  D "C2'" 1 
ATOM   351 C "C1'" . DT  D 1 5 ? -9.927  2.049   10.107  1.00 14.08  ? 20 DT  D "C1'" 1 
ATOM   352 N N1    . DT  D 1 5 ? -9.488  2.667   11.375  1.00 14.78  ? 20 DT  D N1    1 
ATOM   353 C C2    . DT  D 1 5 ? -10.405 2.790   12.399  1.00 13.26  ? 20 DT  D C2    1 
ATOM   354 O O2    . DT  D 1 5 ? -11.569 2.450   12.298  1.00 15.97  ? 20 DT  D O2    1 
ATOM   355 N N3    . DT  D 1 5 ? -9.903  3.336   13.552  1.00 15.15  ? 20 DT  D N3    1 
ATOM   356 C C4    . DT  D 1 5 ? -8.612  3.774   13.777  1.00 14.67  ? 20 DT  D C4    1 
ATOM   357 O O4    . DT  D 1 5 ? -8.304  4.220   14.878  1.00 18.52  ? 20 DT  D O4    1 
ATOM   358 C C5    . DT  D 1 5 ? -7.715  3.649   12.652  1.00 13.99  ? 20 DT  D C5    1 
ATOM   359 C C7    . DT  D 1 5 ? -6.308  4.141   12.787  1.00 14.94  ? 20 DT  D C7    1 
ATOM   360 C C6    . DT  D 1 5 ? -8.189  3.100   11.527  1.00 15.41  ? 20 DT  D C6    1 
HETATM 361 O O     . HOH E 2 . ? -7.668  3.299   -2.449  1.00 24.17  ? 32 HOH A O     1 
HETATM 362 O O     . HOH E 2 . ? -0.059  8.449   6.009   1.00 52.57  ? 36 HOH A O     1 
HETATM 363 O O     . HOH E 2 . ? 5.359   6.436   9.147   1.00 40.02  ? 40 HOH A O     1 
HETATM 364 O O     . HOH E 2 . ? -5.515  7.470   8.446   1.00 19.90  ? 48 HOH A O     1 
HETATM 365 O O     . HOH E 2 . ? -13.727 8.385   4.957   1.00 40.80  ? 57 HOH A O     1 
HETATM 366 O O     . HOH E 2 . ? -7.398  8.826   7.218   1.00 25.85  ? 58 HOH A O     1 
HETATM 367 O O     . HOH E 2 . ? -1.430  6.987   9.145   1.00 39.17  ? 62 HOH A O     1 
HETATM 368 O O     . HOH E 2 . ? -11.188 9.725   6.146   1.00 40.07  ? 64 HOH A O     1 
HETATM 369 O O     . HOH E 2 . ? -1.152  6.515   2.841   1.00 48.27  ? 66 HOH A O     1 
HETATM 370 O O     . HOH E 2 . ? -7.598  6.140   1.483   1.00 34.72  ? 68 HOH A O     1 
HETATM 371 O O     . HOH E 2 . ? 4.131   5.745   -1.488  1.00 22.66  ? 73 HOH A O     1 
HETATM 372 O O     . HOH E 2 . ? -14.277 6.169   0.118   1.00 36.89  ? 76 HOH A O     1 
HETATM 373 O O     . HOH F 2 . ? 7.507   -4.653  -4.807  1.00 32.88  ? 22 HOH B O     1 
HETATM 374 O O     . HOH F 2 . ? 6.246   -4.820  0.081   1.00 28.18  ? 23 HOH B O     1 
HETATM 375 O O     . HOH F 2 . ? 0.015   -5.627  2.590   1.00 23.87  ? 27 HOH B O     1 
HETATM 376 O O     . HOH F 2 . ? 1.087   -15.184 5.480   1.00 100.00 ? 29 HOH B O     1 
HETATM 377 O O     . HOH F 2 . ? -6.357  -4.707  5.226   1.00 20.17  ? 31 HOH B O     1 
HETATM 378 O O     . HOH F 2 . ? -6.396  -7.710  3.738   1.00 32.66  ? 41 HOH B O     1 
HETATM 379 O O     . HOH F 2 . ? 2.069   -4.949  -8.258  1.00 46.96  ? 42 HOH B O     1 
HETATM 380 O O     . HOH F 2 . ? 5.376   -4.016  -6.866  1.00 7.88   ? 43 HOH B O     1 
HETATM 381 O O     . HOH F 2 . ? -7.605  -3.215  7.860   1.00 11.11  ? 44 HOH B O     1 
HETATM 382 O O     . HOH F 2 . ? -13.293 -6.666  -3.760  1.00 29.75  ? 49 HOH B O     1 
HETATM 383 O O     . HOH F 2 . ? 14.513  -8.257  -6.759  1.00 28.93  ? 50 HOH B O     1 
HETATM 384 O O     . HOH F 2 . ? 4.881   -3.669  -9.877  1.00 25.13  ? 51 HOH B O     1 
HETATM 385 O O     . HOH F 2 . ? 5.211   3.171   -7.990  1.00 28.42  ? 54 HOH B O     1 
HETATM 386 O O     . HOH F 2 . ? 14.066  -5.857  -7.935  1.00 28.41  ? 55 HOH B O     1 
HETATM 387 O O     . HOH F 2 . ? 11.116  -5.656  -6.866  1.00 24.40  ? 56 HOH B O     1 
HETATM 388 O O     . HOH F 2 . ? 2.461   3.115   -9.981  1.00 43.56  ? 60 HOH B O     1 
HETATM 389 O O     . HOH F 2 . ? 0.746   -1.396  -12.342 1.00 100.00 ? 61 HOH B O     1 
HETATM 390 O O     . HOH F 2 . ? 2.684   -5.792  4.786   1.00 37.86  ? 69 HOH B O     1 
HETATM 391 O O     . HOH F 2 . ? -9.405  -7.507  -6.560  1.00 44.19  ? 70 HOH B O     1 
HETATM 392 O O     . HOH F 2 . ? 7.142   5.218   -9.390  1.00 49.88  ? 71 HOH B O     1 
HETATM 393 O O     . HOH F 2 . ? -1.133  -6.285  -9.577  1.00 79.73  ? 78 HOH B O     1 
HETATM 394 O O     . HOH F 2 . ? -4.165  -7.446  -9.691  1.00 62.01  ? 82 HOH B O     1 
HETATM 395 O O     . HOH G 2 . ? 7.869   5.927   2.356   1.00 20.43  ? 21 HOH C O     1 
HETATM 396 O O     . HOH G 2 . ? 4.046   7.570   1.635   1.00 100.00 ? 24 HOH C O     1 
HETATM 397 O O     . HOH G 2 . ? 1.406   5.030   2.118   1.00 30.71  ? 25 HOH C O     1 
HETATM 398 O O     . HOH G 2 . ? -2.000  4.336   -2.508  1.00 24.28  ? 28 HOH C O     1 
HETATM 399 O O     . HOH G 2 . ? -4.364  4.662   0.030   1.00 22.65  ? 30 HOH C O     1 
HETATM 400 O O     . HOH G 2 . ? -6.856  2.937   -5.085  1.00 25.14  ? 37 HOH C O     1 
HETATM 401 O O     . HOH G 2 . ? 10.761  4.664   -0.530  1.00 26.83  ? 38 HOH C O     1 
HETATM 402 O O     . HOH G 2 . ? 5.929   6.206   4.667   1.00 32.85  ? 39 HOH C O     1 
HETATM 403 O O     . HOH G 2 . ? -10.471 -5.630  -0.903  1.00 21.27  ? 46 HOH C O     1 
HETATM 404 O O     . HOH G 2 . ? -11.439 4.260   -1.796  1.00 42.30  ? 47 HOH C O     1 
HETATM 405 O O     . HOH G 2 . ? 13.556  10.583  -1.985  1.00 32.11  ? 52 HOH C O     1 
HETATM 406 O O     . HOH G 2 . ? 14.518  5.010   1.011   1.00 43.70  ? 53 HOH C O     1 
HETATM 407 O O     . HOH G 2 . ? -12.480 -6.155  0.021   1.00 49.28  ? 59 HOH C O     1 
HETATM 408 O O     . HOH G 2 . ? -6.681  -2.164  -10.772 1.00 75.01  ? 65 HOH C O     1 
HETATM 409 O O     . HOH G 2 . ? 5.769   7.882   -1.332  1.00 40.01  ? 74 HOH C O     1 
HETATM 410 O O     . HOH G 2 . ? -10.509 2.860   -7.704  1.00 49.99  ? 77 HOH C O     1 
HETATM 411 O O     . HOH G 2 . ? -6.217  3.984   -8.798  1.00 44.53  ? 79 HOH C O     1 
HETATM 412 O O     . HOH G 2 . ? -3.309  -1.651  -10.046 1.00 55.61  ? 80 HOH C O     1 
HETATM 413 O O     . HOH H 2 . ? 2.985   -5.320  -1.775  1.00 39.16  ? 26 HOH D O     1 
HETATM 414 O O     . HOH H 2 . ? -2.565  3.710   10.301  1.00 22.36  ? 33 HOH D O     1 
HETATM 415 O O     . HOH H 2 . ? -4.111  -4.051  8.918   1.00 85.35  ? 34 HOH D O     1 
HETATM 416 O O     . HOH H 2 . ? 15.375  -2.795  6.614   1.00 46.51  ? 35 HOH D O     1 
HETATM 417 O O     . HOH H 2 . ? -6.321  5.127   9.259   1.00 18.27  ? 45 HOH D O     1 
HETATM 418 O O     . HOH H 2 . ? 0.268   -6.599  -3.645  1.00 49.62  ? 63 HOH D O     1 
HETATM 419 O O     . HOH H 2 . ? -3.366  -6.592  0.744   1.00 26.71  ? 67 HOH D O     1 
HETATM 420 O O     . HOH H 2 . ? -0.063  -4.896  7.024   1.00 44.82  ? 72 HOH D O     1 
HETATM 421 O O     . HOH H 2 . ? 6.824   -5.315  5.024   1.00 75.15  ? 75 HOH D O     1 
HETATM 422 O O     . HOH H 2 . ? -2.472  -7.482  -2.274  1.00 49.11  ? 81 HOH D O     1 
# 
loop_
_pdbx_poly_seq_scheme.asym_id 
_pdbx_poly_seq_scheme.entity_id 
_pdbx_poly_seq_scheme.seq_id 
_pdbx_poly_seq_scheme.mon_id 
_pdbx_poly_seq_scheme.ndb_seq_num 
_pdbx_poly_seq_scheme.pdb_seq_num 
_pdbx_poly_seq_scheme.auth_seq_num 
_pdbx_poly_seq_scheme.pdb_mon_id 
_pdbx_poly_seq_scheme.auth_mon_id 
_pdbx_poly_seq_scheme.pdb_strand_id 
_pdbx_poly_seq_scheme.pdb_ins_code 
_pdbx_poly_seq_scheme.hetero 
A 1 1 DA 1 1  1  DA A A . n 
A 1 2 DC 2 2  2  DC C A . n 
A 1 3 DC 3 3  3  DC C A . n 
A 1 4 DC 4 4  4  DC C A . n 
A 1 5 DT 5 5  ?  ?  ? A . n 
B 1 1 DA 1 6  6  DA A B . n 
B 1 2 DC 2 7  7  DC C B . n 
B 1 3 DC 3 8  8  DC C B . n 
B 1 4 DC 4 9  9  DC C B . n 
B 1 5 DT 5 10 10 DT T B . n 
C 1 1 DA 1 11 11 DA A C . n 
C 1 2 DC 2 12 12 DC C C . n 
C 1 3 DC 3 13 13 DC C C . n 
C 1 4 DC 4 14 14 DC C C . n 
C 1 5 DT 5 15 15 DT T C . n 
D 1 1 DA 1 16 16 DA A D . n 
D 1 2 DC 2 17 17 DC C D . n 
D 1 3 DC 3 18 18 DC C D . n 
D 1 4 DC 4 19 19 DC C D . n 
D 1 5 DT 5 20 20 DT T D . n 
# 
loop_
_pdbx_nonpoly_scheme.asym_id 
_pdbx_nonpoly_scheme.entity_id 
_pdbx_nonpoly_scheme.mon_id 
_pdbx_nonpoly_scheme.ndb_seq_num 
_pdbx_nonpoly_scheme.pdb_seq_num 
_pdbx_nonpoly_scheme.auth_seq_num 
_pdbx_nonpoly_scheme.pdb_mon_id 
_pdbx_nonpoly_scheme.auth_mon_id 
_pdbx_nonpoly_scheme.pdb_strand_id 
_pdbx_nonpoly_scheme.pdb_ins_code 
E 2 HOH 1  32 32 HOH HOH A . 
E 2 HOH 2  36 36 HOH HOH A . 
E 2 HOH 3  40 40 HOH HOH A . 
E 2 HOH 4  48 48 HOH HOH A . 
E 2 HOH 5  57 57 HOH HOH A . 
E 2 HOH 6  58 58 HOH HOH A . 
E 2 HOH 7  62 62 HOH HOH A . 
E 2 HOH 8  64 64 HOH HOH A . 
E 2 HOH 9  66 66 HOH HOH A . 
E 2 HOH 10 68 68 HOH HOH A . 
E 2 HOH 11 73 73 HOH HOH A . 
E 2 HOH 12 76 76 HOH HOH A . 
F 2 HOH 1  22 22 HOH HOH B . 
F 2 HOH 2  23 23 HOH HOH B . 
F 2 HOH 3  27 27 HOH HOH B . 
F 2 HOH 4  29 29 HOH HOH B . 
F 2 HOH 5  31 31 HOH HOH B . 
F 2 HOH 6  41 41 HOH HOH B . 
F 2 HOH 7  42 42 HOH HOH B . 
F 2 HOH 8  43 43 HOH HOH B . 
F 2 HOH 9  44 44 HOH HOH B . 
F 2 HOH 10 49 49 HOH HOH B . 
F 2 HOH 11 50 50 HOH HOH B . 
F 2 HOH 12 51 51 HOH HOH B . 
F 2 HOH 13 54 54 HOH HOH B . 
F 2 HOH 14 55 55 HOH HOH B . 
F 2 HOH 15 56 56 HOH HOH B . 
F 2 HOH 16 60 60 HOH HOH B . 
F 2 HOH 17 61 61 HOH HOH B . 
F 2 HOH 18 69 69 HOH HOH B . 
F 2 HOH 19 70 70 HOH HOH B . 
F 2 HOH 20 71 71 HOH HOH B . 
F 2 HOH 21 78 78 HOH HOH B . 
F 2 HOH 22 82 82 HOH HOH B . 
G 2 HOH 1  21 21 HOH HOH C . 
G 2 HOH 2  24 24 HOH HOH C . 
G 2 HOH 3  25 25 HOH HOH C . 
G 2 HOH 4  28 28 HOH HOH C . 
G 2 HOH 5  30 30 HOH HOH C . 
G 2 HOH 6  37 37 HOH HOH C . 
G 2 HOH 7  38 38 HOH HOH C . 
G 2 HOH 8  39 39 HOH HOH C . 
G 2 HOH 9  46 46 HOH HOH C . 
G 2 HOH 10 47 47 HOH HOH C . 
G 2 HOH 11 52 52 HOH HOH C . 
G 2 HOH 12 53 53 HOH HOH C . 
G 2 HOH 13 59 59 HOH HOH C . 
G 2 HOH 14 65 65 HOH HOH C . 
G 2 HOH 15 74 74 HOH HOH C . 
G 2 HOH 16 77 77 HOH HOH C . 
G 2 HOH 17 79 79 HOH HOH C . 
G 2 HOH 18 80 80 HOH HOH C . 
H 2 HOH 1  26 26 HOH HOH D . 
H 2 HOH 2  33 33 HOH HOH D . 
H 2 HOH 3  34 34 HOH HOH D . 
H 2 HOH 4  35 35 HOH HOH D . 
H 2 HOH 5  45 45 HOH HOH D . 
H 2 HOH 6  63 63 HOH HOH D . 
H 2 HOH 7  67 67 HOH HOH D . 
H 2 HOH 8  72 72 HOH HOH D . 
H 2 HOH 9  75 75 HOH HOH D . 
H 2 HOH 10 81 81 HOH HOH D . 
# 
_pdbx_struct_assembly.id                   1 
_pdbx_struct_assembly.details              author_defined_assembly 
_pdbx_struct_assembly.method_details       ? 
_pdbx_struct_assembly.oligomeric_details   tetrameric 
_pdbx_struct_assembly.oligomeric_count     4 
# 
_pdbx_struct_assembly_gen.assembly_id       1 
_pdbx_struct_assembly_gen.oper_expression   1 
_pdbx_struct_assembly_gen.asym_id_list      A,B,C,D,E,F,G,H 
# 
_pdbx_struct_oper_list.id                   1 
_pdbx_struct_oper_list.type                 'identity operation' 
_pdbx_struct_oper_list.name                 1_555 
_pdbx_struct_oper_list.symmetry_operation   x,y,z 
_pdbx_struct_oper_list.matrix[1][1]         1.0000000000 
_pdbx_struct_oper_list.matrix[1][2]         0.0000000000 
_pdbx_struct_oper_list.matrix[1][3]         0.0000000000 
_pdbx_struct_oper_list.vector[1]            0.0000000000 
_pdbx_struct_oper_list.matrix[2][1]         0.0000000000 
_pdbx_struct_oper_list.matrix[2][2]         1.0000000000 
_pdbx_struct_oper_list.matrix[2][3]         0.0000000000 
_pdbx_struct_oper_list.vector[2]            0.0000000000 
_pdbx_struct_oper_list.matrix[3][1]         0.0000000000 
_pdbx_struct_oper_list.matrix[3][2]         0.0000000000 
_pdbx_struct_oper_list.matrix[3][3]         1.0000000000 
_pdbx_struct_oper_list.vector[3]            0.0000000000 
# 
loop_
_pdbx_audit_revision_history.ordinal 
_pdbx_audit_revision_history.data_content_type 
_pdbx_audit_revision_history.major_revision 
_pdbx_audit_revision_history.minor_revision 
_pdbx_audit_revision_history.revision_date 
1 'Structure model' 1 0 2000-05-24 
2 'Structure model' 1 1 2008-04-26 
3 'Structure model' 1 2 2011-07-13 
4 'Structure model' 1 3 2023-08-02 
# 
_pdbx_audit_revision_details.ordinal             1 
_pdbx_audit_revision_details.revision_ordinal    1 
_pdbx_audit_revision_details.data_content_type   'Structure model' 
_pdbx_audit_revision_details.provider            repository 
_pdbx_audit_revision_details.type                'Initial release' 
_pdbx_audit_revision_details.description         ? 
_pdbx_audit_revision_details.details             ? 
# 
loop_
_pdbx_audit_revision_group.ordinal 
_pdbx_audit_revision_group.revision_ordinal 
_pdbx_audit_revision_group.data_content_type 
_pdbx_audit_revision_group.group 
1 2 'Structure model' 'Version format compliance' 
2 3 'Structure model' 'Version format compliance' 
3 4 'Structure model' 'Database references'       
4 4 'Structure model' 'Refinement description'    
# 
loop_
_pdbx_audit_revision_category.ordinal 
_pdbx_audit_revision_category.revision_ordinal 
_pdbx_audit_revision_category.data_content_type 
_pdbx_audit_revision_category.category 
1 4 'Structure model' database_2                    
2 4 'Structure model' pdbx_initial_refinement_model 
# 
loop_
_pdbx_audit_revision_item.ordinal 
_pdbx_audit_revision_item.revision_ordinal 
_pdbx_audit_revision_item.data_content_type 
_pdbx_audit_revision_item.item 
1 4 'Structure model' '_database_2.pdbx_DOI'                
2 4 'Structure model' '_database_2.pdbx_database_accession' 
# 
loop_
_software.name 
_software.classification 
_software.version 
_software.citation_id 
_software.pdbx_ordinal 
X-PLOR    'model building' .     ? 1 
X-PLOR    refinement       3.851 ? 2 
DENZO     'data reduction' .     ? 3 
SCALEPACK 'data scaling'   .     ? 4 
X-PLOR    phasing          .     ? 5 
# 
_pdbx_unobs_or_zero_occ_residues.id               1 
_pdbx_unobs_or_zero_occ_residues.PDB_model_num    1 
_pdbx_unobs_or_zero_occ_residues.polymer_flag     Y 
_pdbx_unobs_or_zero_occ_residues.occupancy_flag   1 
_pdbx_unobs_or_zero_occ_residues.auth_asym_id     A 
_pdbx_unobs_or_zero_occ_residues.auth_comp_id     DT 
_pdbx_unobs_or_zero_occ_residues.auth_seq_id      5 
_pdbx_unobs_or_zero_occ_residues.PDB_ins_code     ? 
_pdbx_unobs_or_zero_occ_residues.label_asym_id    A 
_pdbx_unobs_or_zero_occ_residues.label_comp_id    DT 
_pdbx_unobs_or_zero_occ_residues.label_seq_id     5 
# 
loop_
_ndb_struct_conf_na.entry_id 
_ndb_struct_conf_na.feature 
1CN0 'double helix'         
1CN0 'parallel strands'     
1CN0 'mismatched base pair' 
# 
loop_
_ndb_struct_na_base_pair.model_number 
_ndb_struct_na_base_pair.i_label_asym_id 
_ndb_struct_na_base_pair.i_label_comp_id 
_ndb_struct_na_base_pair.i_label_seq_id 
_ndb_struct_na_base_pair.i_symmetry 
_ndb_struct_na_base_pair.j_label_asym_id 
_ndb_struct_na_base_pair.j_label_comp_id 
_ndb_struct_na_base_pair.j_label_seq_id 
_ndb_struct_na_base_pair.j_symmetry 
_ndb_struct_na_base_pair.shear 
_ndb_struct_na_base_pair.stretch 
_ndb_struct_na_base_pair.stagger 
_ndb_struct_na_base_pair.buckle 
_ndb_struct_na_base_pair.propeller 
_ndb_struct_na_base_pair.opening 
_ndb_struct_na_base_pair.pair_number 
_ndb_struct_na_base_pair.pair_name 
_ndb_struct_na_base_pair.i_auth_asym_id 
_ndb_struct_na_base_pair.i_auth_seq_id 
_ndb_struct_na_base_pair.i_PDB_ins_code 
_ndb_struct_na_base_pair.j_auth_asym_id 
_ndb_struct_na_base_pair.j_auth_seq_id 
_ndb_struct_na_base_pair.j_PDB_ins_code 
_ndb_struct_na_base_pair.hbond_type_28 
_ndb_struct_na_base_pair.hbond_type_12 
1 A DA 1 1_555 B DA 1 1_555 3.982  1.076  0.264  -3.799 11.162  -106.411 1 A_DA1:DA6_B   A 1  ? B 6  ? 5  4 
1 A DC 2 1_555 B DC 2 1_555 -1.874 -1.090 -0.123 8.401  -13.773 -178.064 2 A_DC2:DC7_B   A 2  ? B 7  ? 15 2 
1 D DC 4 1_555 C DC 4 1_555 -2.035 -1.272 -0.029 3.988  0.730   -176.420 3 D_DC19:DC14_C D 19 ? C 14 ? 15 2 
1 A DC 3 1_555 B DC 3 1_555 -1.987 -1.166 0.091  2.598  0.166   -179.644 4 A_DC3:DC8_B   A 3  ? B 8  ? 15 2 
1 D DC 3 1_555 C DC 3 1_555 2.177  1.372  -0.039 -4.549 1.377   179.794  5 D_DC18:DC13_C D 18 ? C 13 ? 15 2 
1 A DC 4 1_555 B DC 4 1_555 2.052  1.263  0.109  -0.240 2.625   177.864  6 A_DC4:DC9_B   A 4  ? B 9  ? 15 2 
1 D DC 2 1_555 C DC 2 1_555 -1.992 -1.158 -0.149 11.007 -6.383  -176.088 7 D_DC17:DC12_C D 17 ? C 12 ? 15 2 
1 B DT 5 1_555 D DA 1 1_555 -0.017 -0.103 -0.058 12.341 2.091   3.230    8 B_DT10:DA16_D B 10 ? D 16 ? 20 1 
# 
loop_
_ndb_struct_na_base_pair_step.model_number 
_ndb_struct_na_base_pair_step.i_label_asym_id_1 
_ndb_struct_na_base_pair_step.i_label_comp_id_1 
_ndb_struct_na_base_pair_step.i_label_seq_id_1 
_ndb_struct_na_base_pair_step.i_symmetry_1 
_ndb_struct_na_base_pair_step.j_label_asym_id_1 
_ndb_struct_na_base_pair_step.j_label_comp_id_1 
_ndb_struct_na_base_pair_step.j_label_seq_id_1 
_ndb_struct_na_base_pair_step.j_symmetry_1 
_ndb_struct_na_base_pair_step.i_label_asym_id_2 
_ndb_struct_na_base_pair_step.i_label_comp_id_2 
_ndb_struct_na_base_pair_step.i_label_seq_id_2 
_ndb_struct_na_base_pair_step.i_symmetry_2 
_ndb_struct_na_base_pair_step.j_label_asym_id_2 
_ndb_struct_na_base_pair_step.j_label_comp_id_2 
_ndb_struct_na_base_pair_step.j_label_seq_id_2 
_ndb_struct_na_base_pair_step.j_symmetry_2 
_ndb_struct_na_base_pair_step.shift 
_ndb_struct_na_base_pair_step.slide 
_ndb_struct_na_base_pair_step.rise 
_ndb_struct_na_base_pair_step.tilt 
_ndb_struct_na_base_pair_step.roll 
_ndb_struct_na_base_pair_step.twist 
_ndb_struct_na_base_pair_step.x_displacement 
_ndb_struct_na_base_pair_step.y_displacement 
_ndb_struct_na_base_pair_step.helical_rise 
_ndb_struct_na_base_pair_step.inclination 
_ndb_struct_na_base_pair_step.tip 
_ndb_struct_na_base_pair_step.helical_twist 
_ndb_struct_na_base_pair_step.step_number 
_ndb_struct_na_base_pair_step.step_name 
_ndb_struct_na_base_pair_step.i_auth_asym_id_1 
_ndb_struct_na_base_pair_step.i_auth_seq_id_1 
_ndb_struct_na_base_pair_step.i_PDB_ins_code_1 
_ndb_struct_na_base_pair_step.j_auth_asym_id_1 
_ndb_struct_na_base_pair_step.j_auth_seq_id_1 
_ndb_struct_na_base_pair_step.j_PDB_ins_code_1 
_ndb_struct_na_base_pair_step.i_auth_asym_id_2 
_ndb_struct_na_base_pair_step.i_auth_seq_id_2 
_ndb_struct_na_base_pair_step.i_PDB_ins_code_2 
_ndb_struct_na_base_pair_step.j_auth_asym_id_2 
_ndb_struct_na_base_pair_step.j_auth_seq_id_2 
_ndb_struct_na_base_pair_step.j_PDB_ins_code_2 
1 A DA 1 1_555 B DA 1 1_555 A DC 2 1_555 B DC 2 1_555 4.303  -2.652 2.897  3.711    1.299    85.632  -1.976 -3.087 3.013  0.955   
-2.729  85.704   1 AA_DA1DC2:DC7DA6_BB     A 1  ? B 6  ? A 2  ? B 7  ? 
1 A DC 2 1_555 B DC 2 1_555 D DC 4 1_555 C DC 4 1_555 2.144  -2.773 0.575  -128.516 -121.146 81.179  -1.196 -1.274 0.634  -60.979 
64.688  177.429  2 AD_DC2DC19:DC14DC7_CB   A 2  ? B 7  ? D 19 ? C 14 ? 
1 D DC 4 1_555 C DC 4 1_555 A DC 3 1_555 B DC 3 1_555 -1.372 2.842  0.000  -148.276 -96.386  13.352  1.325  0.834  -0.396 -48.952 
75.305  176.872  3 DA_DC19DC3:DC8DC14_BC   D 19 ? C 14 ? A 3  ? B 8  ? 
1 A DC 3 1_555 B DC 3 1_555 D DC 3 1_555 C DC 3 1_555 2.155  2.272  -0.004 120.171  -131.578 146.294 1.132  -1.081 -0.069 -65.817 
-60.111 179.477  4 AD_DC3DC18:DC13DC8_CB   A 3  ? B 8  ? D 18 ? C 13 ? 
1 D DC 3 1_555 C DC 3 1_555 A DC 4 1_555 B DC 4 1_555 1.451  -2.627 0.018  147.246  96.768   -20.106 1.257  0.813  0.230  -49.246 
74.935  -176.256 5 DA_DC18DC4:DC9DC13_BC   D 18 ? C 13 ? A 4  ? B 9  ? 
1 A DC 4 1_555 B DC 4 1_555 D DC 2 1_555 C DC 2 1_555 2.459  2.330  -0.095 115.847  -132.166 -60.157 -1.172 1.225  0.066  66.880  
58.622  -176.323 6 AD_DC4DC17:DC12DC9_CB   A 4  ? B 9  ? D 17 ? C 12 ? 
1 D DC 2 1_555 C DC 2 1_555 B DT 5 1_555 D DA 1 1_555 -1.628 -0.882 -3.214 10.794   5.454    143.216 -0.437 0.804  -3.277 2.873   
-5.685  143.428  7 DB_DC17DT10:DA16DC12_DC D 17 ? C 12 ? B 10 ? D 16 ? 
# 
_pdbx_entity_nonpoly.entity_id   2 
_pdbx_entity_nonpoly.name        water 
_pdbx_entity_nonpoly.comp_id     HOH 
# 
_pdbx_initial_refinement_model.id               1 
_pdbx_initial_refinement_model.entity_id_list   ? 
_pdbx_initial_refinement_model.type             'experimental model' 
_pdbx_initial_refinement_model.source_name      PDB 
_pdbx_initial_refinement_model.accession_code   191D 
_pdbx_initial_refinement_model.details          ? 
# 
